data_3H7B
#
_entry.id   3H7B
#
_cell.length_a   50.324
_cell.length_b   63.063
_cell.length_c   74.877
_cell.angle_alpha   81.950
_cell.angle_beta   75.950
_cell.angle_gamma   77.880
#
_symmetry.space_group_name_H-M   'P 1'
#
loop_
_entity.id
_entity.type
_entity.pdbx_description
1 polymer 'HLA class I histocompatibility antigen, A-2 alpha chain'
2 polymer Beta-2-microglobulin
3 polymer 'Tel1p peptide'
4 non-polymer GLYCEROL
5 water water
#
loop_
_entity_poly.entity_id
_entity_poly.type
_entity_poly.pdbx_seq_one_letter_code
_entity_poly.pdbx_strand_id
1 'polypeptide(L)'
;GSHSMRYFFTSVSRPGRGEPRFIAVGYVDDTQFVRFDSDAASQRMEPRAPWIEQEGPEYWDGETRKVKAHSQTHRVDLGT
LRGYYNQSEAGSHTVQRMYGCDVGSDWRFLRGYHQYAYDGKDYIALKEDLRSWTAADMAAQTTKHKWEAAHVAEQLRAYL
EGTCVEWLRRYLENGKETLQRTDAPKTHMTHHAVSDHEATLRCWALSFYPAEITLTWQRDGEDQTQDTELVETRPAGDGT
FQKWAAVVVPSGQEQRYTCHVQHEGLPKPLTLRWE
;
A,D
2 'polypeptide(L)'
;MIQRTPKIQVYSRHPAENGKSNFLNCYVSGFHPSDIEVDLLKNGERIEKVEHSDLSFSKDWSFYLLYYTEFTPTEKDEYA
CRVNHVTLSQPKIVKWDRDM
;
B,E
3 'polypeptide(L)' MLWGYLQYV C,F
#
loop_
_chem_comp.id
_chem_comp.type
_chem_comp.name
_chem_comp.formula
GOL non-polymer GLYCEROL 'C3 H8 O3'
#
# COMPACT_ATOMS: atom_id res chain seq x y z
N GLY A 1 -6.11 3.60 -0.81
CA GLY A 1 -7.21 3.89 0.15
C GLY A 1 -8.08 4.99 -0.42
N SER A 2 -8.97 5.51 0.44
CA SER A 2 -9.86 6.64 0.15
CA SER A 2 -9.83 6.63 0.09
C SER A 2 -9.13 8.00 0.13
N HIS A 3 -9.64 8.96 -0.66
CA HIS A 3 -9.03 10.31 -0.67
C HIS A 3 -10.05 11.42 -0.73
N SER A 4 -9.66 12.65 -0.42
CA SER A 4 -10.61 13.74 -0.45
C SER A 4 -9.98 15.03 -0.94
N MET A 5 -10.78 15.94 -1.49
CA MET A 5 -10.33 17.29 -1.76
C MET A 5 -11.37 18.18 -1.10
N ARG A 6 -10.95 19.25 -0.40
CA ARG A 6 -11.92 20.03 0.33
C ARG A 6 -11.45 21.47 0.29
N TYR A 7 -12.37 22.40 0.04
CA TYR A 7 -12.07 23.81 0.11
C TYR A 7 -12.81 24.44 1.30
N PHE A 8 -12.12 25.32 2.05
CA PHE A 8 -12.64 25.90 3.29
C PHE A 8 -12.55 27.41 3.11
N PHE A 9 -13.66 28.11 3.31
CA PHE A 9 -13.71 29.54 3.09
C PHE A 9 -14.24 30.23 4.34
N THR A 10 -13.59 31.30 4.81
CA THR A 10 -14.06 32.03 5.97
C THR A 10 -14.23 33.50 5.55
N SER A 11 -15.40 34.09 5.76
CA SER A 11 -15.54 35.53 5.58
CA SER A 11 -15.53 35.52 5.60
C SER A 11 -15.95 36.19 6.89
N VAL A 12 -15.24 37.25 7.28
CA VAL A 12 -15.54 37.89 8.56
C VAL A 12 -15.76 39.38 8.33
N SER A 13 -16.95 39.90 8.66
CA SER A 13 -17.16 41.36 8.56
C SER A 13 -16.39 42.15 9.60
N ARG A 14 -15.98 43.36 9.19
CA ARG A 14 -15.21 44.29 9.99
C ARG A 14 -15.82 45.65 9.76
N PRO A 15 -16.94 45.95 10.44
CA PRO A 15 -17.64 47.21 10.25
C PRO A 15 -16.83 48.44 10.70
N GLY A 16 -16.63 49.40 9.79
CA GLY A 16 -15.77 50.55 10.06
C GLY A 16 -14.27 50.32 9.90
N ARG A 17 -13.86 49.11 9.53
CA ARG A 17 -12.45 48.81 9.31
C ARG A 17 -12.31 48.21 7.92
N GLY A 18 -13.20 48.63 7.02
CA GLY A 18 -13.11 48.31 5.60
C GLY A 18 -13.84 47.06 5.13
N GLU A 19 -13.28 46.41 4.11
CA GLU A 19 -13.85 45.20 3.52
C GLU A 19 -13.83 44.00 4.48
N PRO A 20 -14.71 43.01 4.30
CA PRO A 20 -14.55 41.80 5.10
C PRO A 20 -13.26 41.01 4.81
N ARG A 21 -12.75 40.34 5.83
CA ARG A 21 -11.61 39.45 5.66
C ARG A 21 -12.14 38.24 4.91
N PHE A 22 -11.44 37.73 3.90
CA PHE A 22 -11.84 36.45 3.25
C PHE A 22 -10.58 35.63 3.16
N ILE A 23 -10.66 34.39 3.61
CA ILE A 23 -9.54 33.43 3.60
C ILE A 23 -10.07 32.15 2.95
N ALA A 24 -9.35 31.63 1.94
CA ALA A 24 -9.76 30.35 1.30
C ALA A 24 -8.54 29.45 1.43
N VAL A 25 -8.75 28.19 1.80
CA VAL A 25 -7.68 27.15 1.77
C VAL A 25 -8.22 25.92 1.07
N GLY A 26 -7.36 25.20 0.36
CA GLY A 26 -7.72 23.93 -0.25
C GLY A 26 -6.81 22.84 0.29
N TYR A 27 -7.36 21.65 0.44
CA TYR A 27 -6.64 20.49 0.99
C TYR A 27 -6.88 19.29 0.11
N VAL A 28 -5.87 18.46 -0.06
CA VAL A 28 -6.07 17.10 -0.53
C VAL A 28 -5.64 16.22 0.65
N ASP A 29 -6.57 15.35 1.07
CA ASP A 29 -6.48 14.57 2.32
C ASP A 29 -6.04 15.56 3.42
N ASP A 30 -4.91 15.31 4.07
CA ASP A 30 -4.46 16.22 5.15
C ASP A 30 -3.41 17.21 4.72
N THR A 31 -3.26 17.45 3.41
CA THR A 31 -2.18 18.32 2.94
C THR A 31 -2.77 19.61 2.33
N GLN A 32 -2.38 20.78 2.87
CA GLN A 32 -2.86 22.02 2.28
C GLN A 32 -2.10 22.22 0.98
N PHE A 33 -2.79 22.68 -0.07
CA PHE A 33 -2.08 22.95 -1.34
C PHE A 33 -2.29 24.37 -1.92
N VAL A 34 -3.36 25.07 -1.55
CA VAL A 34 -3.56 26.45 -2.02
C VAL A 34 -4.07 27.38 -0.91
N ARG A 35 -3.80 28.68 -1.01
CA ARG A 35 -4.45 29.63 -0.13
C ARG A 35 -4.82 30.91 -0.90
N PHE A 36 -5.78 31.64 -0.35
CA PHE A 36 -6.00 33.02 -0.76
C PHE A 36 -6.27 33.76 0.53
N ASP A 37 -5.70 34.92 0.67
CA ASP A 37 -6.05 35.79 1.79
C ASP A 37 -6.27 37.19 1.24
N SER A 38 -7.43 37.77 1.54
CA SER A 38 -7.80 39.07 1.01
C SER A 38 -6.91 40.17 1.59
N ASP A 39 -6.30 39.92 2.73
CA ASP A 39 -5.46 40.94 3.36
C ASP A 39 -4.01 40.84 2.91
N ALA A 40 -3.67 39.79 2.17
CA ALA A 40 -2.30 39.65 1.66
C ALA A 40 -2.03 40.57 0.46
N ALA A 41 -0.75 40.74 0.17
CA ALA A 41 -0.29 41.69 -0.79
C ALA A 41 -0.60 41.28 -2.24
N SER A 42 -0.49 39.98 -2.53
CA SER A 42 -0.53 39.48 -3.90
C SER A 42 -1.86 39.51 -4.62
N GLN A 43 -2.95 39.29 -3.90
CA GLN A 43 -4.32 39.21 -4.46
C GLN A 43 -4.46 38.03 -5.46
N ARG A 44 -3.68 36.98 -5.23
CA ARG A 44 -3.69 35.78 -6.09
C ARG A 44 -3.96 34.56 -5.24
N MET A 45 -4.56 33.51 -5.81
CA MET A 45 -4.44 32.19 -5.21
C MET A 45 -2.97 31.74 -5.23
N GLU A 46 -2.49 31.09 -4.16
CA GLU A 46 -1.06 30.84 -4.06
C GLU A 46 -0.80 29.41 -3.71
N PRO A 47 0.30 28.84 -4.23
CA PRO A 47 0.64 27.45 -3.92
C PRO A 47 1.09 27.23 -2.46
N ARG A 48 0.70 26.10 -1.83
CA ARG A 48 1.19 25.79 -0.48
C ARG A 48 1.78 24.37 -0.37
N ALA A 49 1.89 23.67 -1.49
CA ALA A 49 2.48 22.33 -1.53
C ALA A 49 3.38 22.38 -2.75
N PRO A 50 4.51 21.64 -2.74
CA PRO A 50 5.42 21.81 -3.89
C PRO A 50 4.92 21.23 -5.22
N TRP A 51 4.08 20.22 -5.16
CA TRP A 51 3.57 19.59 -6.36
C TRP A 51 2.56 20.41 -7.17
N ILE A 52 1.93 21.43 -6.57
CA ILE A 52 1.01 22.27 -7.31
C ILE A 52 1.72 23.50 -7.94
N GLU A 53 2.94 23.81 -7.50
CA GLU A 53 3.76 24.83 -8.14
C GLU A 53 4.07 24.56 -9.63
N GLN A 54 3.90 23.31 -10.08
CA GLN A 54 4.08 22.89 -11.48
C GLN A 54 2.92 23.20 -12.43
N GLU A 55 1.78 23.59 -11.85
N GLU A 55 1.82 23.74 -11.90
CA GLU A 55 0.65 24.05 -12.64
CA GLU A 55 0.59 23.91 -12.68
C GLU A 55 1.00 25.42 -13.23
C GLU A 55 0.56 24.89 -13.84
N GLY A 56 0.65 25.63 -14.50
N GLY A 56 1.24 26.04 -13.70
CA GLY A 56 1.10 26.84 -15.21
CA GLY A 56 1.32 26.99 -14.83
C GLY A 56 0.23 28.04 -14.88
C GLY A 56 0.27 28.09 -14.79
N PRO A 57 0.50 29.17 -15.54
CA PRO A 57 -0.28 30.42 -15.42
C PRO A 57 -1.78 30.32 -15.71
N GLU A 58 -2.20 29.45 -16.63
CA GLU A 58 -3.61 29.23 -16.88
CA GLU A 58 -3.63 29.21 -16.88
C GLU A 58 -4.35 28.78 -15.62
N TYR A 59 -3.79 27.79 -14.91
CA TYR A 59 -4.34 27.32 -13.63
C TYR A 59 -4.40 28.47 -12.61
N TRP A 60 -3.27 29.11 -12.37
CA TRP A 60 -3.21 30.15 -11.35
C TRP A 60 -4.14 31.31 -11.64
N ASP A 61 -4.16 31.80 -12.89
CA ASP A 61 -5.07 32.87 -13.26
C ASP A 61 -6.53 32.49 -13.03
N GLY A 62 -6.91 31.28 -13.47
CA GLY A 62 -8.27 30.81 -13.34
C GLY A 62 -8.70 30.57 -11.89
N GLU A 63 -7.81 30.01 -11.06
CA GLU A 63 -8.15 29.83 -9.64
C GLU A 63 -8.22 31.17 -8.90
N THR A 64 -7.36 32.12 -9.26
CA THR A 64 -7.43 33.49 -8.74
C THR A 64 -8.74 34.19 -9.15
N ARG A 65 -9.11 34.08 -10.42
CA ARG A 65 -10.39 34.63 -10.90
C ARG A 65 -11.57 34.04 -10.11
N LYS A 66 -11.55 32.75 -9.86
CA LYS A 66 -12.66 32.10 -9.16
C LYS A 66 -12.69 32.42 -7.68
N VAL A 67 -11.52 32.45 -7.03
CA VAL A 67 -11.47 32.70 -5.61
C VAL A 67 -11.89 34.13 -5.29
N LYS A 68 -11.60 35.07 -6.19
CA LYS A 68 -11.99 36.47 -6.01
C LYS A 68 -13.49 36.61 -6.17
N ALA A 69 -14.06 35.79 -7.05
CA ALA A 69 -15.53 35.74 -7.23
C ALA A 69 -16.25 35.14 -6.01
N HIS A 70 -15.64 34.12 -5.39
CA HIS A 70 -16.10 33.57 -4.12
C HIS A 70 -16.07 34.70 -3.05
N SER A 71 -14.95 35.43 -2.96
CA SER A 71 -14.81 36.55 -2.01
C SER A 71 -15.93 37.57 -2.15
N GLN A 72 -16.26 37.93 -3.38
CA GLN A 72 -17.34 38.89 -3.63
C GLN A 72 -18.75 38.38 -3.29
N THR A 73 -19.05 37.10 -3.57
CA THR A 73 -20.37 36.58 -3.17
CA THR A 73 -20.33 36.49 -3.17
C THR A 73 -20.52 36.55 -1.64
N HIS A 74 -19.47 36.17 -0.93
CA HIS A 74 -19.47 36.18 0.54
C HIS A 74 -19.58 37.55 1.17
N ARG A 75 -18.95 38.55 0.55
CA ARG A 75 -19.19 39.97 0.84
C ARG A 75 -20.67 40.38 0.74
N VAL A 76 -21.37 39.93 -0.30
CA VAL A 76 -22.80 40.25 -0.43
C VAL A 76 -23.61 39.44 0.60
N ASP A 77 -23.20 38.20 0.79
CA ASP A 77 -23.82 37.28 1.76
C ASP A 77 -23.89 37.82 3.18
N LEU A 78 -22.79 38.41 3.65
CA LEU A 78 -22.72 39.06 4.97
C LEU A 78 -23.81 40.10 5.18
N GLY A 79 -23.97 40.95 4.16
CA GLY A 79 -25.06 41.94 4.14
C GLY A 79 -26.43 41.29 4.07
N THR A 80 -26.58 40.24 3.24
CA THR A 80 -27.90 39.58 3.11
C THR A 80 -28.39 38.96 4.41
N LEU A 81 -27.50 38.18 5.04
CA LEU A 81 -27.76 37.48 6.29
C LEU A 81 -28.02 38.40 7.49
N ARG A 82 -27.29 39.51 7.56
CA ARG A 82 -27.56 40.58 8.53
C ARG A 82 -28.99 41.13 8.42
N GLY A 83 -29.43 41.38 7.20
CA GLY A 83 -30.83 41.67 6.94
C GLY A 83 -31.78 40.54 7.31
N TYR A 84 -31.41 39.29 7.01
CA TYR A 84 -32.27 38.13 7.40
C TYR A 84 -32.44 38.01 8.93
N TYR A 85 -31.38 38.29 9.68
CA TYR A 85 -31.47 38.13 11.13
C TYR A 85 -31.74 39.41 11.88
N ASN A 86 -32.08 40.48 11.14
CA ASN A 86 -32.32 41.82 11.67
C ASN A 86 -31.23 42.31 12.63
N GLN A 87 -29.98 42.11 12.22
CA GLN A 87 -28.86 42.47 13.06
C GLN A 87 -28.37 43.85 12.74
N SER A 88 -27.69 44.51 13.69
CA SER A 88 -27.22 45.87 13.44
C SER A 88 -25.98 45.88 12.55
N GLU A 89 -25.68 47.05 12.00
CA GLU A 89 -24.54 47.20 11.12
C GLU A 89 -23.20 47.19 11.85
N ALA A 90 -23.21 47.48 13.15
CA ALA A 90 -22.02 47.54 14.02
C ALA A 90 -21.22 46.26 14.29
N GLY A 91 -21.87 45.11 14.39
CA GLY A 91 -21.20 43.91 14.86
C GLY A 91 -20.53 43.10 13.78
N SER A 92 -19.54 42.31 14.20
CA SER A 92 -18.75 41.49 13.31
C SER A 92 -19.41 40.12 13.26
N HIS A 93 -19.66 39.64 12.04
CA HIS A 93 -20.24 38.33 11.88
C HIS A 93 -19.34 37.47 11.01
N THR A 94 -19.61 36.15 11.00
CA THR A 94 -18.77 35.18 10.32
C THR A 94 -19.59 34.26 9.41
N VAL A 95 -19.14 34.12 8.18
CA VAL A 95 -19.72 33.07 7.31
C VAL A 95 -18.66 32.00 7.05
N GLN A 96 -19.00 30.68 7.03
CA GLN A 96 -17.98 29.75 6.68
C GLN A 96 -18.60 28.84 5.63
N ARG A 97 -17.80 28.39 4.70
CA ARG A 97 -18.33 27.52 3.65
C ARG A 97 -17.33 26.39 3.45
N MET A 98 -17.82 25.15 3.20
CA MET A 98 -16.88 24.08 2.95
C MET A 98 -17.54 23.25 1.88
N TYR A 99 -16.77 22.88 0.88
CA TYR A 99 -17.25 21.87 -0.05
C TYR A 99 -16.13 20.98 -0.48
N GLY A 100 -16.48 19.88 -1.13
CA GLY A 100 -15.45 19.05 -1.69
C GLY A 100 -15.99 17.67 -1.98
N CYS A 101 -15.12 16.69 -2.18
CA CYS A 101 -15.59 15.36 -2.62
C CYS A 101 -14.67 14.27 -2.11
N ASP A 102 -15.17 13.06 -1.93
CA ASP A 102 -14.33 11.92 -1.62
C ASP A 102 -14.37 10.91 -2.78
N VAL A 103 -13.24 10.24 -3.00
CA VAL A 103 -13.18 9.02 -3.81
C VAL A 103 -12.88 7.79 -2.93
N GLY A 104 -13.36 6.60 -3.30
CA GLY A 104 -13.04 5.45 -2.49
C GLY A 104 -11.73 4.86 -2.95
N SER A 105 -11.49 3.62 -2.59
CA SER A 105 -10.20 3.03 -2.89
C SER A 105 -10.10 2.50 -4.34
N ASP A 106 -11.22 2.49 -5.05
CA ASP A 106 -11.27 2.30 -6.50
C ASP A 106 -11.04 3.58 -7.28
N TRP A 107 -10.81 4.68 -6.54
CA TRP A 107 -10.69 6.07 -7.02
C TRP A 107 -11.93 6.68 -7.68
N ARG A 108 -13.10 6.09 -7.48
CA ARG A 108 -14.32 6.61 -8.04
C ARG A 108 -15.06 7.42 -7.02
N PHE A 109 -15.78 8.43 -7.51
CA PHE A 109 -16.71 9.22 -6.71
C PHE A 109 -17.48 8.43 -5.63
N LEU A 110 -17.26 8.83 -4.37
CA LEU A 110 -17.88 8.20 -3.22
C LEU A 110 -18.94 9.13 -2.59
N ARG A 111 -18.53 10.34 -2.25
CA ARG A 111 -19.32 11.27 -1.47
C ARG A 111 -19.05 12.66 -2.00
N GLY A 112 -20.03 13.54 -1.88
CA GLY A 112 -19.87 14.92 -2.28
C GLY A 112 -20.53 15.69 -1.15
N TYR A 113 -19.98 16.86 -0.84
CA TYR A 113 -20.55 17.72 0.23
C TYR A 113 -20.45 19.21 -0.02
N HIS A 114 -21.35 19.94 0.60
CA HIS A 114 -21.33 21.40 0.55
C HIS A 114 -22.09 21.91 1.75
N GLN A 115 -21.42 22.66 2.63
CA GLN A 115 -22.16 23.25 3.71
C GLN A 115 -21.71 24.64 4.07
N TYR A 116 -22.58 25.33 4.77
CA TYR A 116 -22.47 26.75 4.98
C TYR A 116 -22.97 27.03 6.38
N ALA A 117 -22.24 27.88 7.08
CA ALA A 117 -22.52 28.28 8.46
C ALA A 117 -22.55 29.77 8.60
N TYR A 118 -23.40 30.27 9.52
CA TYR A 118 -23.43 31.67 9.87
C TYR A 118 -23.20 31.82 11.38
N ASP A 119 -22.15 32.54 11.73
CA ASP A 119 -21.83 32.76 13.14
C ASP A 119 -21.61 31.42 13.92
N GLY A 120 -20.89 30.51 13.26
CA GLY A 120 -20.50 29.22 13.85
C GLY A 120 -21.55 28.15 14.01
N LYS A 121 -22.75 28.36 13.45
CA LYS A 121 -23.75 27.27 13.46
C LYS A 121 -24.24 26.92 12.06
N ASP A 122 -24.73 25.70 11.85
CA ASP A 122 -25.24 25.26 10.53
C ASP A 122 -26.23 26.27 10.00
N TYR A 123 -26.09 26.65 8.74
CA TYR A 123 -27.07 27.51 8.09
C TYR A 123 -27.75 26.67 6.99
N ILE A 124 -27.01 26.22 5.97
CA ILE A 124 -27.62 25.30 4.95
C ILE A 124 -26.65 24.22 4.50
N ALA A 125 -27.13 23.02 4.12
CA ALA A 125 -26.21 21.99 3.65
C ALA A 125 -26.85 21.20 2.59
N LEU A 126 -26.03 20.70 1.68
CA LEU A 126 -26.53 19.79 0.65
C LEU A 126 -26.66 18.42 1.28
N LYS A 127 -27.76 17.76 1.00
CA LYS A 127 -27.96 16.43 1.51
C LYS A 127 -27.08 15.44 0.80
N GLU A 128 -26.95 14.28 1.42
CA GLU A 128 -26.14 13.16 0.97
C GLU A 128 -26.47 12.76 -0.48
N ASP A 129 -27.77 12.77 -0.81
CA ASP A 129 -28.24 12.45 -2.18
C ASP A 129 -27.92 13.50 -3.27
N LEU A 130 -27.35 14.62 -2.87
CA LEU A 130 -26.97 15.76 -3.72
C LEU A 130 -28.09 16.39 -4.55
N ARG A 131 -29.34 16.18 -4.12
CA ARG A 131 -30.48 16.75 -4.79
C ARG A 131 -31.25 17.77 -3.95
N SER A 132 -31.16 17.68 -2.62
CA SER A 132 -31.97 18.58 -1.78
C SER A 132 -31.12 19.26 -0.72
N TRP A 133 -31.73 20.14 0.06
CA TRP A 133 -30.97 20.98 1.01
C TRP A 133 -31.57 20.82 2.39
N THR A 134 -30.74 20.97 3.42
CA THR A 134 -31.20 20.97 4.78
C THR A 134 -31.01 22.37 5.31
N ALA A 135 -32.10 23.01 5.70
CA ALA A 135 -32.02 24.39 6.14
C ALA A 135 -32.26 24.44 7.62
N ALA A 136 -31.34 25.03 8.36
CA ALA A 136 -31.47 25.09 9.82
C ALA A 136 -32.64 26.03 10.27
N ASP A 137 -32.43 27.33 10.12
CA ASP A 137 -33.36 28.35 10.63
C ASP A 137 -34.55 28.59 9.74
N MET A 138 -35.37 29.55 10.16
CA MET A 138 -36.39 30.10 9.30
C MET A 138 -35.71 30.97 8.23
N ALA A 139 -34.65 31.69 8.60
CA ALA A 139 -33.85 32.47 7.63
C ALA A 139 -33.25 31.64 6.51
N ALA A 140 -32.79 30.45 6.84
CA ALA A 140 -32.19 29.57 5.85
C ALA A 140 -33.16 28.95 4.88
N GLN A 141 -34.46 29.08 5.14
CA GLN A 141 -35.48 28.55 4.23
C GLN A 141 -35.64 29.44 3.04
N THR A 142 -35.40 30.73 3.23
CA THR A 142 -35.39 31.69 2.13
C THR A 142 -34.27 31.35 1.12
N THR A 143 -33.12 31.01 1.67
CA THR A 143 -31.99 30.58 0.91
C THR A 143 -32.30 29.25 0.20
N LYS A 144 -32.79 28.28 0.96
CA LYS A 144 -33.22 26.97 0.41
C LYS A 144 -34.13 27.14 -0.79
N HIS A 145 -35.15 27.98 -0.63
CA HIS A 145 -36.12 28.26 -1.68
C HIS A 145 -35.51 28.96 -2.91
N LYS A 146 -34.67 29.97 -2.67
CA LYS A 146 -33.84 30.61 -3.73
C LYS A 146 -33.02 29.58 -4.51
N TRP A 147 -32.36 28.69 -3.78
CA TRP A 147 -31.45 27.75 -4.39
C TRP A 147 -32.17 26.64 -5.15
N GLU A 148 -33.39 26.32 -4.73
CA GLU A 148 -34.20 25.29 -5.36
C GLU A 148 -34.70 25.79 -6.70
N ALA A 149 -35.04 27.08 -6.74
CA ALA A 149 -35.62 27.73 -7.91
C ALA A 149 -34.58 27.95 -9.01
N ALA A 150 -33.35 28.20 -8.59
CA ALA A 150 -32.21 28.38 -9.48
C ALA A 150 -31.45 27.08 -9.78
N HIS A 151 -32.00 25.94 -9.32
CA HIS A 151 -31.44 24.60 -9.53
C HIS A 151 -29.95 24.50 -9.20
N VAL A 152 -29.58 24.97 -8.02
CA VAL A 152 -28.18 25.01 -7.65
C VAL A 152 -27.65 23.62 -7.38
N ALA A 153 -28.48 22.73 -6.83
CA ALA A 153 -28.00 21.42 -6.43
C ALA A 153 -27.59 20.58 -7.65
N GLU A 154 -28.35 20.70 -8.73
CA GLU A 154 -28.02 20.11 -10.05
C GLU A 154 -26.63 20.53 -10.53
N GLN A 155 -26.37 21.83 -10.46
CA GLN A 155 -25.13 22.39 -10.94
C GLN A 155 -23.98 21.96 -10.03
N LEU A 156 -24.20 22.04 -8.72
CA LEU A 156 -23.27 21.53 -7.75
C LEU A 156 -22.98 20.03 -7.86
N ARG A 157 -24.00 19.21 -8.11
CA ARG A 157 -23.81 17.76 -8.23
C ARG A 157 -22.84 17.43 -9.37
N ALA A 158 -23.07 18.09 -10.51
CA ALA A 158 -22.19 18.06 -11.70
C ALA A 158 -20.72 18.38 -11.43
N TYR A 159 -20.48 19.41 -10.60
CA TYR A 159 -19.12 19.69 -10.13
C TYR A 159 -18.59 18.54 -9.28
N LEU A 160 -19.35 18.11 -8.28
CA LEU A 160 -18.82 17.13 -7.30
C LEU A 160 -18.52 15.77 -7.86
N GLU A 161 -19.34 15.34 -8.83
CA GLU A 161 -19.19 14.08 -9.51
C GLU A 161 -18.20 14.16 -10.69
N GLY A 162 -17.96 15.37 -11.20
CA GLY A 162 -17.20 15.58 -12.44
C GLY A 162 -15.89 16.29 -12.12
N THR A 163 -15.82 17.60 -12.35
CA THR A 163 -14.61 18.43 -12.04
C THR A 163 -13.88 18.09 -10.72
N CYS A 164 -14.62 18.04 -9.61
CA CYS A 164 -14.03 17.82 -8.30
C CYS A 164 -13.18 16.54 -8.23
N VAL A 165 -13.76 15.43 -8.64
CA VAL A 165 -13.01 14.20 -8.52
C VAL A 165 -11.96 14.04 -9.63
N GLU A 166 -12.20 14.60 -10.82
CA GLU A 166 -11.19 14.53 -11.87
C GLU A 166 -9.91 15.27 -11.45
N TRP A 167 -10.08 16.42 -10.82
CA TRP A 167 -8.92 17.18 -10.38
C TRP A 167 -8.26 16.57 -9.17
N LEU A 168 -9.07 16.02 -8.25
CA LEU A 168 -8.54 15.18 -7.17
C LEU A 168 -7.59 14.09 -7.70
N ARG A 169 -8.03 13.29 -8.68
CA ARG A 169 -7.17 12.26 -9.23
C ARG A 169 -5.92 12.82 -9.91
N ARG A 170 -6.08 13.95 -10.60
CA ARG A 170 -4.94 14.62 -11.21
C ARG A 170 -3.91 14.99 -10.13
N TYR A 171 -4.37 15.61 -9.05
CA TYR A 171 -3.48 16.06 -7.94
C TYR A 171 -2.78 14.88 -7.28
N LEU A 172 -3.53 13.81 -7.03
CA LEU A 172 -3.01 12.55 -6.47
C LEU A 172 -1.91 11.93 -7.31
N GLU A 173 -2.09 11.94 -8.64
CA GLU A 173 -1.05 11.54 -9.58
C GLU A 173 0.16 12.47 -9.54
N ASN A 174 -0.09 13.77 -9.68
CA ASN A 174 0.95 14.78 -9.81
C ASN A 174 1.76 14.87 -8.53
N GLY A 175 1.07 14.84 -7.39
CA GLY A 175 1.73 14.80 -6.11
C GLY A 175 1.86 13.43 -5.47
N LYS A 176 2.06 12.39 -6.28
CA LYS A 176 2.17 10.99 -5.82
C LYS A 176 3.08 10.78 -4.61
N GLU A 177 4.29 11.32 -4.70
CA GLU A 177 5.27 11.18 -3.64
C GLU A 177 4.93 11.83 -2.28
N THR A 178 4.07 12.85 -2.28
CA THR A 178 3.57 13.54 -1.08
C THR A 178 2.22 12.94 -0.63
N LEU A 179 1.24 12.90 -1.52
CA LEU A 179 -0.10 12.48 -1.17
C LEU A 179 -0.36 10.97 -1.15
N GLN A 180 0.40 10.17 -1.91
CA GLN A 180 0.20 8.72 -1.84
C GLN A 180 1.26 8.08 -0.96
N ARG A 181 1.88 8.88 -0.08
CA ARG A 181 2.81 8.39 0.92
C ARG A 181 2.06 8.08 2.19
N THR A 182 2.63 7.23 3.03
CA THR A 182 2.26 7.25 4.44
C THR A 182 3.56 7.39 5.21
N ASP A 183 3.56 8.17 6.29
CA ASP A 183 4.69 8.18 7.21
C ASP A 183 4.20 7.43 8.44
N ALA A 184 4.78 6.27 8.76
CA ALA A 184 4.44 5.54 9.99
C ALA A 184 4.89 6.36 11.20
N PRO A 185 4.13 6.28 12.32
CA PRO A 185 4.54 7.01 13.53
C PRO A 185 5.83 6.48 14.08
N LYS A 186 6.66 7.39 14.55
CA LYS A 186 7.83 7.00 15.29
C LYS A 186 7.42 7.06 16.75
N THR A 187 7.58 5.99 17.50
CA THR A 187 6.93 5.93 18.80
C THR A 187 7.95 5.87 19.97
N HIS A 188 7.61 6.44 21.13
CA HIS A 188 8.37 6.24 22.35
C HIS A 188 7.48 6.44 23.57
N MET A 189 8.02 6.15 24.75
CA MET A 189 7.33 6.33 25.99
C MET A 189 8.22 7.16 26.91
N THR A 190 7.58 7.99 27.72
CA THR A 190 8.28 8.65 28.83
C THR A 190 7.59 8.28 30.16
N HIS A 191 8.30 8.43 31.26
CA HIS A 191 7.86 8.00 32.57
C HIS A 191 8.22 9.13 33.52
N HIS A 192 7.26 9.69 34.22
CA HIS A 192 7.54 10.80 35.13
C HIS A 192 6.75 10.63 36.42
N ALA A 193 7.46 10.67 37.55
CA ALA A 193 6.89 10.38 38.87
C ALA A 193 5.99 11.51 39.39
N VAL A 194 4.71 11.19 39.58
CA VAL A 194 3.72 12.09 40.18
C VAL A 194 4.08 12.33 41.64
N SER A 195 4.24 11.23 42.36
CA SER A 195 4.68 11.24 43.75
C SER A 195 5.35 9.91 43.94
N ASP A 196 5.34 9.45 45.19
CA ASP A 196 5.98 8.21 45.59
CA ASP A 196 5.99 8.21 45.58
C ASP A 196 5.16 6.97 45.22
N HIS A 197 3.85 7.14 45.07
CA HIS A 197 3.02 5.96 44.86
C HIS A 197 2.40 5.82 43.47
N GLU A 198 2.67 6.77 42.60
CA GLU A 198 2.24 6.70 41.20
C GLU A 198 3.12 7.48 40.21
N ALA A 199 3.04 7.12 38.91
CA ALA A 199 3.82 7.80 37.88
C ALA A 199 3.02 7.93 36.58
N THR A 200 3.30 8.97 35.80
CA THR A 200 2.61 9.15 34.55
C THR A 200 3.38 8.42 33.43
N LEU A 201 2.71 7.51 32.71
CA LEU A 201 3.31 6.87 31.53
C LEU A 201 2.70 7.52 30.30
N ARG A 202 3.54 8.12 29.43
CA ARG A 202 3.06 8.82 28.23
C ARG A 202 3.51 8.11 26.96
N CYS A 203 2.58 7.74 26.09
CA CYS A 203 2.91 7.01 24.87
C CYS A 203 2.86 8.04 23.71
N TRP A 204 3.96 8.19 22.99
CA TRP A 204 4.06 9.21 21.96
C TRP A 204 4.01 8.65 20.54
N ALA A 205 3.33 9.34 19.63
CA ALA A 205 3.40 9.03 18.17
C ALA A 205 3.81 10.27 17.42
N LEU A 206 4.98 10.27 16.75
CA LEU A 206 5.48 11.46 16.08
C LEU A 206 5.75 11.20 14.61
N SER A 207 5.68 12.27 13.81
CA SER A 207 6.13 12.29 12.42
CA SER A 207 6.13 12.28 12.41
C SER A 207 5.29 11.35 11.53
N PHE A 208 3.99 11.37 11.74
CA PHE A 208 3.11 10.45 10.96
C PHE A 208 2.26 11.17 9.93
N TYR A 209 1.84 10.46 8.86
CA TYR A 209 0.95 11.05 7.88
C TYR A 209 0.27 9.82 7.30
N PRO A 210 -1.05 9.90 7.09
CA PRO A 210 -1.99 10.99 7.38
C PRO A 210 -2.34 11.12 8.86
N ALA A 211 -3.22 12.06 9.18
CA ALA A 211 -3.51 12.49 10.57
C ALA A 211 -4.25 11.42 11.40
N GLU A 212 -5.07 10.62 10.73
CA GLU A 212 -5.82 9.52 11.34
C GLU A 212 -4.93 8.51 12.07
N ILE A 213 -5.18 8.33 13.38
CA ILE A 213 -4.39 7.45 14.22
C ILE A 213 -5.27 6.99 15.40
N THR A 214 -5.08 5.74 15.87
CA THR A 214 -5.65 5.32 17.16
C THR A 214 -4.54 5.02 18.18
N LEU A 215 -4.60 5.70 19.34
CA LEU A 215 -3.60 5.53 20.36
C LEU A 215 -4.38 5.21 21.64
N THR A 216 -4.16 4.02 22.22
CA THR A 216 -4.99 3.60 23.36
C THR A 216 -4.05 2.95 24.35
N TRP A 217 -4.43 2.95 25.62
CA TRP A 217 -3.74 2.17 26.62
C TRP A 217 -4.64 1.04 27.07
N GLN A 218 -4.03 -0.08 27.45
CA GLN A 218 -4.78 -1.16 28.11
C GLN A 218 -4.07 -1.53 29.39
N ARG A 219 -4.82 -2.04 30.39
CA ARG A 219 -4.24 -2.58 31.62
C ARG A 219 -4.74 -3.98 31.76
N ASP A 220 -3.82 -4.94 31.76
CA ASP A 220 -4.12 -6.38 31.66
C ASP A 220 -4.96 -6.74 30.44
N GLY A 221 -4.80 -5.97 29.37
CA GLY A 221 -5.56 -6.13 28.14
C GLY A 221 -6.96 -5.55 28.17
N GLU A 222 -7.28 -4.76 29.21
CA GLU A 222 -8.59 -4.13 29.29
C GLU A 222 -8.43 -2.66 28.97
N ASP A 223 -9.26 -2.11 28.10
CA ASP A 223 -9.02 -0.74 27.64
C ASP A 223 -9.30 0.29 28.73
N GLN A 224 -8.51 1.35 28.75
CA GLN A 224 -8.54 2.34 29.81
C GLN A 224 -9.05 3.71 29.35
N THR A 225 -10.12 3.74 28.56
CA THR A 225 -10.58 5.00 27.88
C THR A 225 -10.84 6.12 28.88
N GLN A 226 -11.58 5.75 29.92
CA GLN A 226 -11.98 6.63 31.00
C GLN A 226 -10.81 7.20 31.79
N ASP A 227 -9.67 6.51 31.77
CA ASP A 227 -8.54 6.90 32.60
C ASP A 227 -7.28 7.33 31.80
N THR A 228 -7.47 7.66 30.53
CA THR A 228 -6.36 8.03 29.65
C THR A 228 -6.51 9.50 29.33
N GLU A 229 -5.45 10.28 29.51
CA GLU A 229 -5.44 11.62 28.95
C GLU A 229 -4.96 11.59 27.49
N LEU A 230 -5.79 12.04 26.58
CA LEU A 230 -5.51 11.91 25.15
C LEU A 230 -5.55 13.32 24.57
N VAL A 231 -4.47 13.79 23.96
CA VAL A 231 -4.49 15.12 23.35
C VAL A 231 -4.94 15.07 21.92
N GLU A 232 -5.48 16.19 21.46
CA GLU A 232 -5.88 16.35 20.07
C GLU A 232 -4.65 16.16 19.15
N THR A 233 -4.81 15.41 18.07
CA THR A 233 -3.73 15.28 17.03
C THR A 233 -3.36 16.67 16.55
N ARG A 234 -2.06 16.94 16.49
CA ARG A 234 -1.56 18.26 16.26
C ARG A 234 -0.50 18.26 15.16
N PRO A 235 -0.49 19.30 14.34
CA PRO A 235 0.47 19.43 13.26
C PRO A 235 1.90 19.73 13.74
N ALA A 236 2.87 19.02 13.16
CA ALA A 236 4.26 19.31 13.43
C ALA A 236 4.78 20.55 12.69
N GLY A 237 4.15 20.93 11.59
CA GLY A 237 4.60 22.12 10.88
C GLY A 237 5.33 21.77 9.60
N ASP A 238 5.68 20.49 9.47
CA ASP A 238 6.47 20.02 8.34
C ASP A 238 5.59 19.11 7.50
N GLY A 239 4.30 19.09 7.79
CA GLY A 239 3.37 18.24 7.01
C GLY A 239 3.05 16.91 7.68
N THR A 240 3.78 16.61 8.75
CA THR A 240 3.44 15.48 9.64
C THR A 240 2.64 15.85 10.89
N PHE A 241 2.29 14.84 11.69
CA PHE A 241 1.36 15.01 12.80
C PHE A 241 1.94 14.31 14.03
N GLN A 242 1.45 14.75 15.20
CA GLN A 242 1.89 14.26 16.51
C GLN A 242 0.66 13.94 17.36
N LYS A 243 0.78 12.95 18.24
CA LYS A 243 -0.26 12.73 19.24
C LYS A 243 0.38 12.06 20.46
N TRP A 244 -0.20 12.27 21.64
CA TRP A 244 0.11 11.41 22.76
C TRP A 244 -1.07 10.95 23.57
N ALA A 245 -0.85 9.86 24.32
CA ALA A 245 -1.79 9.30 25.26
C ALA A 245 -1.04 8.95 26.59
N ALA A 246 -1.57 9.44 27.73
CA ALA A 246 -1.00 9.16 29.04
C ALA A 246 -1.95 8.52 30.05
N VAL A 247 -1.38 7.73 30.94
CA VAL A 247 -2.13 7.09 32.04
C VAL A 247 -1.33 7.21 33.33
N VAL A 248 -2.03 7.16 34.46
CA VAL A 248 -1.37 7.25 35.73
C VAL A 248 -1.25 5.84 36.32
N VAL A 249 -0.03 5.42 36.56
CA VAL A 249 0.31 4.04 36.87
C VAL A 249 0.81 3.99 38.32
N PRO A 250 0.10 3.23 39.18
CA PRO A 250 0.53 3.02 40.58
C PRO A 250 1.83 2.21 40.63
N SER A 251 2.58 2.34 41.71
CA SER A 251 3.89 1.72 41.84
C SER A 251 3.92 0.22 41.63
N GLY A 252 4.78 -0.21 40.71
CA GLY A 252 4.98 -1.62 40.49
C GLY A 252 4.07 -2.15 39.42
N GLN A 253 3.26 -1.28 38.83
CA GLN A 253 2.28 -1.74 37.86
C GLN A 253 2.61 -1.46 36.39
N GLU A 254 3.81 -0.93 36.11
CA GLU A 254 4.20 -0.57 34.69
C GLU A 254 4.03 -1.75 33.71
N GLN A 255 4.36 -2.95 34.16
CA GLN A 255 4.25 -4.15 33.34
C GLN A 255 2.80 -4.53 32.98
N ARG A 256 1.79 -4.01 33.70
CA ARG A 256 0.39 -4.29 33.38
C ARG A 256 -0.10 -3.52 32.16
N TYR A 257 0.61 -2.46 31.81
CA TYR A 257 0.08 -1.45 30.87
C TYR A 257 0.72 -1.59 29.52
N THR A 258 -0.12 -1.56 28.48
CA THR A 258 0.36 -1.61 27.10
C THR A 258 -0.24 -0.45 26.31
N CYS A 259 0.58 0.21 25.52
CA CYS A 259 0.06 1.24 24.63
C CYS A 259 -0.11 0.63 23.26
N HIS A 260 -1.24 0.93 22.62
CA HIS A 260 -1.57 0.31 21.32
C HIS A 260 -1.66 1.37 20.24
N VAL A 261 -0.88 1.24 19.15
CA VAL A 261 -0.89 2.23 18.04
C VAL A 261 -1.41 1.61 16.72
N GLN A 262 -2.45 2.22 16.14
CA GLN A 262 -2.92 1.88 14.81
C GLN A 262 -2.76 3.09 13.90
N HIS A 263 -2.12 2.85 12.77
CA HIS A 263 -1.93 3.86 11.78
C HIS A 263 -1.75 3.13 10.42
N GLU A 264 -2.22 3.77 9.35
CA GLU A 264 -2.15 3.18 7.96
C GLU A 264 -0.72 2.85 7.51
N GLY A 265 0.24 3.59 8.02
CA GLY A 265 1.68 3.44 7.75
C GLY A 265 2.39 2.31 8.43
N LEU A 266 1.70 1.60 9.32
CA LEU A 266 2.29 0.52 10.07
C LEU A 266 1.96 -0.81 9.42
N PRO A 267 2.97 -1.70 9.30
CA PRO A 267 2.76 -3.06 8.78
C PRO A 267 1.74 -3.92 9.59
N LYS A 268 1.67 -3.66 10.89
CA LYS A 268 0.72 -4.27 11.80
C LYS A 268 0.64 -3.33 13.01
N PRO A 269 -0.47 -3.37 13.79
CA PRO A 269 -0.46 -2.43 14.94
C PRO A 269 0.63 -2.73 15.98
N LEU A 270 1.07 -1.69 16.67
CA LEU A 270 2.10 -1.80 17.68
C LEU A 270 1.50 -2.01 19.06
N THR A 271 2.19 -2.80 19.87
CA THR A 271 1.90 -3.03 21.28
C THR A 271 3.19 -2.68 22.01
N LEU A 272 3.18 -1.55 22.72
CA LEU A 272 4.35 -1.07 23.45
C LEU A 272 4.16 -1.21 24.98
N ARG A 273 5.23 -1.51 25.70
CA ARG A 273 5.14 -1.73 27.13
C ARG A 273 6.36 -1.03 27.71
N TRP A 274 6.23 -0.46 28.91
CA TRP A 274 7.38 0.06 29.62
C TRP A 274 8.05 -1.14 30.28
N GLU A 275 9.27 -1.42 29.88
CA GLU A 275 10.04 -2.52 30.48
C GLU A 275 11.56 -2.38 30.21
N MET B 1 -24.41 35.14 20.50
CA MET B 1 -23.72 34.39 19.44
C MET B 1 -22.73 33.38 19.99
N ILE B 2 -22.52 32.32 19.23
CA ILE B 2 -21.60 31.20 19.56
C ILE B 2 -20.18 31.66 19.85
N GLN B 3 -19.64 31.20 20.97
CA GLN B 3 -18.28 31.49 21.35
C GLN B 3 -17.70 30.22 21.95
N ARG B 4 -16.55 29.81 21.42
CA ARG B 4 -15.88 28.61 21.89
C ARG B 4 -14.43 28.95 22.23
N THR B 5 -13.95 28.41 23.36
CA THR B 5 -12.63 28.75 23.92
C THR B 5 -11.50 28.04 23.15
N PRO B 6 -10.37 28.71 22.86
CA PRO B 6 -9.29 27.92 22.25
C PRO B 6 -8.66 26.89 23.19
N LYS B 7 -8.45 25.69 22.67
CA LYS B 7 -7.52 24.72 23.28
C LYS B 7 -6.13 25.12 22.83
N ILE B 8 -5.12 24.93 23.67
CA ILE B 8 -3.77 25.39 23.35
C ILE B 8 -2.79 24.24 23.61
N GLN B 9 -1.92 23.94 22.64
CA GLN B 9 -0.76 23.08 22.92
C GLN B 9 0.52 23.79 22.51
N VAL B 10 1.55 23.75 23.36
CA VAL B 10 2.83 24.34 22.97
C VAL B 10 3.88 23.21 22.95
N TYR B 11 4.63 23.10 21.86
CA TYR B 11 5.49 21.94 21.67
C TYR B 11 6.51 22.29 20.62
N SER B 12 7.58 21.50 20.54
CA SER B 12 8.53 21.63 19.43
C SER B 12 8.19 20.65 18.25
N ARG B 13 8.63 20.97 17.02
CA ARG B 13 8.40 20.12 15.86
C ARG B 13 9.16 18.77 15.96
N HIS B 14 10.42 18.85 16.40
CA HIS B 14 11.30 17.69 16.63
C HIS B 14 11.51 17.55 18.12
N PRO B 15 11.86 16.32 18.59
CA PRO B 15 12.27 16.17 19.98
C PRO B 15 13.38 17.16 20.32
N ALA B 16 13.22 17.85 21.45
CA ALA B 16 14.09 18.96 21.82
C ALA B 16 15.44 18.47 22.31
N GLU B 17 16.50 19.03 21.74
CA GLU B 17 17.84 18.68 22.06
C GLU B 17 18.57 20.00 22.14
N ASN B 18 19.18 20.27 23.29
CA ASN B 18 19.96 21.50 23.50
C ASN B 18 21.02 21.74 22.42
N GLY B 19 21.02 22.94 21.86
CA GLY B 19 22.01 23.30 20.84
C GLY B 19 21.63 22.95 19.42
N LYS B 20 20.50 22.26 19.24
CA LYS B 20 20.02 21.85 17.89
C LYS B 20 18.78 22.56 17.43
N SER B 21 18.81 23.01 16.18
CA SER B 21 17.79 23.98 15.73
C SER B 21 16.47 23.26 15.54
N ASN B 22 15.39 23.99 15.77
CA ASN B 22 14.07 23.39 15.87
C ASN B 22 13.02 24.48 15.59
N PHE B 23 11.75 24.17 15.82
CA PHE B 23 10.65 25.10 15.64
C PHE B 23 9.82 24.90 16.88
N LEU B 24 9.38 26.01 17.45
CA LEU B 24 8.50 26.06 18.60
C LEU B 24 7.15 26.36 18.06
N ASN B 25 6.17 25.52 18.42
CA ASN B 25 4.82 25.58 17.91
C ASN B 25 3.86 25.97 19.03
N CYS B 26 2.89 26.82 18.73
CA CYS B 26 1.70 26.97 19.56
C CYS B 26 0.48 26.67 18.70
N TYR B 27 -0.17 25.53 18.92
CA TYR B 27 -1.33 25.15 18.13
C TYR B 27 -2.60 25.60 18.86
N VAL B 28 -3.36 26.52 18.28
CA VAL B 28 -4.66 26.93 18.87
C VAL B 28 -5.80 26.33 18.12
N SER B 29 -6.74 25.76 18.84
CA SER B 29 -7.82 25.05 18.14
C SER B 29 -9.16 25.04 18.87
N GLY B 30 -10.25 24.64 18.19
CA GLY B 30 -11.55 24.63 18.86
C GLY B 30 -12.23 25.96 19.16
N PHE B 31 -11.76 27.06 18.55
CA PHE B 31 -12.26 28.36 18.90
C PHE B 31 -13.23 29.01 17.90
N HIS B 32 -14.08 29.88 18.42
CA HIS B 32 -14.97 30.67 17.59
C HIS B 32 -15.34 31.91 18.41
N PRO B 33 -15.36 33.11 17.81
CA PRO B 33 -15.04 33.58 16.44
C PRO B 33 -13.56 33.55 16.15
N SER B 34 -13.16 33.97 14.95
CA SER B 34 -11.79 33.66 14.52
C SER B 34 -10.76 34.68 15.01
N ASP B 35 -11.20 35.82 15.55
CA ASP B 35 -10.24 36.82 16.06
C ASP B 35 -9.54 36.22 17.27
N ILE B 36 -8.23 36.10 17.20
CA ILE B 36 -7.46 35.57 18.34
C ILE B 36 -6.07 36.25 18.36
N GLU B 37 -5.54 36.52 19.54
CA GLU B 37 -4.17 37.07 19.63
C GLU B 37 -3.24 35.94 20.13
N VAL B 38 -2.22 35.53 19.37
CA VAL B 38 -1.26 34.53 19.89
C VAL B 38 0.20 35.05 19.89
N ASP B 39 0.88 34.98 21.04
CA ASP B 39 2.32 35.34 21.11
C ASP B 39 3.18 34.20 21.64
N LEU B 40 4.38 34.04 21.08
CA LEU B 40 5.37 33.13 21.62
C LEU B 40 6.32 33.96 22.51
N LEU B 41 6.65 33.43 23.68
CA LEU B 41 7.46 34.19 24.66
C LEU B 41 8.74 33.43 24.89
N LYS B 42 9.85 34.15 25.05
CA LYS B 42 11.09 33.55 25.41
C LYS B 42 11.49 34.32 26.65
N ASN B 43 11.67 33.58 27.75
CA ASN B 43 11.84 34.11 29.09
C ASN B 43 10.93 35.31 29.40
N GLY B 44 9.68 35.22 28.98
CA GLY B 44 8.69 36.23 29.36
C GLY B 44 8.44 37.36 28.38
N GLU B 45 9.31 37.51 27.38
CA GLU B 45 9.14 38.59 26.40
C GLU B 45 8.70 38.06 25.05
N ARG B 46 7.97 38.88 24.31
CA ARG B 46 7.42 38.51 23.00
C ARG B 46 8.45 38.20 21.93
N ILE B 47 8.34 37.05 21.29
CA ILE B 47 9.20 36.76 20.13
C ILE B 47 8.66 37.48 18.88
N GLU B 48 9.54 38.23 18.22
CA GLU B 48 9.16 39.01 17.04
C GLU B 48 8.85 38.21 15.77
N LYS B 49 9.68 37.23 15.43
CA LYS B 49 9.54 36.63 14.11
C LYS B 49 8.67 35.40 14.19
N VAL B 50 7.36 35.62 14.32
CA VAL B 50 6.47 34.48 14.49
C VAL B 50 5.51 34.40 13.29
N GLU B 51 5.36 33.22 12.72
CA GLU B 51 4.46 33.06 11.59
C GLU B 51 3.31 32.22 12.04
N HIS B 52 2.30 32.13 11.20
CA HIS B 52 1.20 31.25 11.49
C HIS B 52 0.66 30.63 10.22
N SER B 53 -0.03 29.51 10.34
CA SER B 53 -0.77 28.92 9.22
C SER B 53 -1.99 29.72 8.76
N ASP B 54 -2.57 29.25 7.64
CA ASP B 54 -3.70 29.93 7.06
C ASP B 54 -4.91 29.42 7.78
N LEU B 55 -5.81 30.34 8.19
CA LEU B 55 -7.03 29.96 8.92
C LEU B 55 -7.92 28.89 8.22
N SER B 56 -8.19 27.79 8.93
CA SER B 56 -9.09 26.74 8.44
C SER B 56 -9.89 26.32 9.64
N PHE B 57 -10.77 25.33 9.44
CA PHE B 57 -11.72 25.02 10.47
C PHE B 57 -12.11 23.55 10.42
N SER B 58 -12.73 23.12 11.51
CA SER B 58 -12.96 21.71 11.76
C SER B 58 -14.38 21.46 11.33
N LYS B 59 -14.80 20.21 11.52
CA LYS B 59 -16.15 19.75 11.19
C LYS B 59 -17.29 20.48 11.95
N ASP B 60 -17.01 20.87 13.20
CA ASP B 60 -17.98 21.58 14.00
C ASP B 60 -17.90 23.14 13.84
N TRP B 61 -17.05 23.59 12.88
CA TRP B 61 -16.93 24.97 12.38
C TRP B 61 -15.89 25.76 13.21
N SER B 62 -15.30 25.11 14.20
CA SER B 62 -14.43 25.85 15.10
C SER B 62 -13.08 25.96 14.42
N PHE B 63 -12.29 27.00 14.75
CA PHE B 63 -11.11 27.31 13.96
C PHE B 63 -9.85 26.69 14.52
N TYR B 64 -8.84 26.55 13.69
CA TYR B 64 -7.53 26.21 14.19
C TYR B 64 -6.45 26.99 13.45
N LEU B 65 -5.32 27.20 14.13
CA LEU B 65 -4.15 27.94 13.61
C LEU B 65 -2.92 27.35 14.27
N LEU B 66 -1.84 27.18 13.52
CA LEU B 66 -0.55 26.91 14.09
C LEU B 66 0.30 28.17 14.07
N TYR B 67 0.80 28.59 15.24
CA TYR B 67 1.77 29.68 15.31
C TYR B 67 3.11 29.04 15.54
N TYR B 68 4.15 29.56 14.89
CA TYR B 68 5.46 28.90 14.95
C TYR B 68 6.64 29.80 14.73
N THR B 69 7.78 29.44 15.31
CA THR B 69 8.99 30.19 15.06
C THR B 69 10.22 29.26 15.20
N GLU B 70 11.22 29.46 14.36
CA GLU B 70 12.56 28.84 14.50
C GLU B 70 13.20 29.11 15.88
N PHE B 71 13.70 28.07 16.55
CA PHE B 71 14.40 28.21 17.81
C PHE B 71 15.43 27.13 18.09
N THR B 72 16.41 27.46 18.91
CA THR B 72 17.36 26.46 19.31
C THR B 72 17.23 26.33 20.83
N PRO B 73 16.66 25.21 21.31
CA PRO B 73 16.52 24.96 22.75
C PRO B 73 17.86 25.00 23.49
N THR B 74 17.84 25.55 24.70
CA THR B 74 18.99 25.43 25.61
C THR B 74 18.48 24.86 26.93
N GLU B 75 19.38 24.48 27.84
CA GLU B 75 18.97 23.98 29.15
C GLU B 75 18.21 25.05 29.97
N LYS B 76 18.62 26.31 29.84
CA LYS B 76 18.05 27.35 30.69
C LYS B 76 16.86 28.14 30.17
N ASP B 77 16.77 28.37 28.86
CA ASP B 77 15.64 29.17 28.32
C ASP B 77 14.25 28.53 28.43
N GLU B 78 13.29 29.35 28.89
CA GLU B 78 11.91 28.95 29.07
C GLU B 78 11.04 29.55 27.99
N TYR B 79 10.15 28.74 27.41
CA TYR B 79 9.30 29.23 26.35
C TYR B 79 7.86 29.10 26.81
N ALA B 80 6.99 29.89 26.18
CA ALA B 80 5.58 29.88 26.49
C ALA B 80 4.80 30.39 25.31
N CYS B 81 3.50 30.05 25.30
CA CYS B 81 2.50 30.59 24.40
C CYS B 81 1.45 31.42 25.18
N ARG B 82 1.18 32.66 24.77
CA ARG B 82 0.18 33.52 25.42
C ARG B 82 -0.97 33.90 24.48
N VAL B 83 -2.21 33.52 24.82
CA VAL B 83 -3.35 33.56 23.91
C VAL B 83 -4.43 34.44 24.47
N ASN B 84 -5.03 35.32 23.67
CA ASN B 84 -6.19 36.01 24.14
C ASN B 84 -7.28 35.82 23.10
N HIS B 85 -8.52 35.80 23.59
CA HIS B 85 -9.68 35.51 22.74
C HIS B 85 -10.86 36.13 23.48
N VAL B 86 -12.02 36.28 22.83
CA VAL B 86 -13.20 36.78 23.57
C VAL B 86 -13.66 35.92 24.77
N THR B 87 -13.34 34.64 24.73
CA THR B 87 -13.75 33.71 25.75
C THR B 87 -12.87 33.73 26.99
N LEU B 88 -11.78 34.50 26.96
CA LEU B 88 -10.80 34.43 28.00
C LEU B 88 -10.85 35.77 28.66
N SER B 89 -10.99 35.79 29.98
CA SER B 89 -11.11 37.06 30.64
C SER B 89 -9.76 37.75 30.78
N GLN B 90 -8.71 36.95 30.73
CA GLN B 90 -7.33 37.40 30.70
C GLN B 90 -6.54 36.49 29.77
N PRO B 91 -5.43 36.99 29.18
CA PRO B 91 -4.58 36.12 28.40
C PRO B 91 -4.13 34.86 29.12
N LYS B 92 -4.22 33.73 28.43
CA LYS B 92 -3.92 32.45 29.05
C LYS B 92 -2.47 32.09 28.63
N ILE B 93 -1.59 31.85 29.59
CA ILE B 93 -0.20 31.43 29.33
C ILE B 93 0.03 29.91 29.53
N VAL B 94 0.54 29.25 28.51
CA VAL B 94 0.88 27.85 28.63
C VAL B 94 2.38 27.71 28.41
N LYS B 95 3.06 27.14 29.39
CA LYS B 95 4.51 26.96 29.33
C LYS B 95 4.85 25.73 28.49
N TRP B 96 5.96 25.84 27.76
CA TRP B 96 6.50 24.72 27.02
C TRP B 96 7.15 23.79 28.00
N ASP B 97 6.70 22.54 27.98
CA ASP B 97 7.31 21.47 28.76
C ASP B 97 7.91 20.59 27.67
N ARG B 98 9.21 20.35 27.69
CA ARG B 98 9.81 19.53 26.62
C ARG B 98 9.51 18.02 26.78
N ASP B 99 8.21 17.71 26.85
CA ASP B 99 7.65 16.47 27.42
C ASP B 99 6.13 16.38 27.23
N MET B 100 5.56 17.41 26.60
CA MET B 100 4.13 17.49 26.27
C MET B 100 3.90 18.13 24.88
N MET C 1 -9.31 21.98 -7.86
CA MET C 1 -9.91 23.06 -8.69
C MET C 1 -11.27 23.52 -8.13
N LEU C 2 -11.40 24.83 -7.93
CA LEU C 2 -12.59 25.42 -7.36
C LEU C 2 -13.81 25.32 -8.28
N TRP C 3 -14.98 25.37 -7.66
CA TRP C 3 -16.25 25.41 -8.39
C TRP C 3 -16.35 26.83 -8.91
N GLY C 4 -16.90 27.01 -10.10
CA GLY C 4 -16.82 28.32 -10.75
C GLY C 4 -18.14 29.04 -10.83
N TYR C 5 -19.14 28.55 -10.11
CA TYR C 5 -20.51 28.92 -10.40
C TYR C 5 -21.26 29.17 -9.14
N LEU C 6 -20.80 30.18 -8.40
CA LEU C 6 -21.33 30.50 -7.07
C LEU C 6 -22.63 31.33 -7.07
N GLN C 7 -23.29 31.33 -5.93
CA GLN C 7 -24.65 31.84 -5.82
C GLN C 7 -24.77 32.50 -4.48
N TYR C 8 -25.63 33.50 -4.40
CA TYR C 8 -25.85 34.22 -3.19
C TYR C 8 -26.90 33.50 -2.31
N VAL C 9 -26.71 33.60 -1.00
CA VAL C 9 -27.74 33.18 -0.02
C VAL C 9 -28.99 34.08 -0.03
N GLY D 1 12.85 -8.54 3.97
CA GLY D 1 12.95 -8.23 2.52
C GLY D 1 11.58 -7.94 1.94
N SER D 2 11.48 -7.89 0.61
CA SER D 2 10.22 -7.61 -0.06
CA SER D 2 10.20 -7.62 -0.04
C SER D 2 9.36 -8.89 -0.20
N HIS D 3 8.05 -8.72 -0.40
CA HIS D 3 7.14 -9.88 -0.40
C HIS D 3 6.05 -9.83 -1.45
N SER D 4 5.48 -10.99 -1.79
CA SER D 4 4.46 -11.02 -2.84
C SER D 4 3.38 -12.02 -2.50
N MET D 5 2.15 -11.76 -2.98
CA MET D 5 1.17 -12.80 -2.94
C MET D 5 0.67 -13.00 -4.35
N ARG D 6 0.58 -14.22 -4.88
CA ARG D 6 0.21 -14.34 -6.31
C ARG D 6 -0.64 -15.56 -6.48
N TYR D 7 -1.66 -15.45 -7.33
CA TYR D 7 -2.52 -16.57 -7.69
C TYR D 7 -2.36 -16.91 -9.18
N PHE D 8 -2.27 -18.19 -9.51
CA PHE D 8 -1.99 -18.61 -10.87
C PHE D 8 -3.10 -19.55 -11.22
N PHE D 9 -3.66 -19.41 -12.42
CA PHE D 9 -4.83 -20.19 -12.78
C PHE D 9 -4.60 -20.75 -14.16
N THR D 10 -4.87 -22.04 -14.38
CA THR D 10 -4.63 -22.60 -15.72
C THR D 10 -5.91 -23.32 -16.06
N SER D 11 -6.50 -23.01 -17.21
CA SER D 11 -7.59 -23.85 -17.76
C SER D 11 -7.21 -24.43 -19.10
N VAL D 12 -7.46 -25.73 -19.29
CA VAL D 12 -7.19 -26.45 -20.53
C VAL D 12 -8.42 -27.17 -21.05
N SER D 13 -8.87 -26.83 -22.25
CA SER D 13 -10.02 -27.48 -22.86
C SER D 13 -9.67 -28.88 -23.33
N ARG D 14 -10.62 -29.79 -23.19
CA ARG D 14 -10.46 -31.20 -23.54
C ARG D 14 -11.61 -31.73 -24.40
N PRO D 15 -11.64 -31.35 -25.68
CA PRO D 15 -12.76 -31.62 -26.58
C PRO D 15 -13.08 -33.11 -26.69
N GLY D 16 -14.32 -33.48 -26.41
CA GLY D 16 -14.72 -34.90 -26.45
C GLY D 16 -14.39 -35.66 -25.17
N ARG D 17 -13.75 -35.01 -24.20
CA ARG D 17 -13.40 -35.68 -22.94
C ARG D 17 -13.90 -34.88 -21.75
N GLY D 18 -15.06 -34.25 -21.94
CA GLY D 18 -15.75 -33.50 -20.90
C GLY D 18 -15.22 -32.11 -20.58
N GLU D 19 -15.35 -31.74 -19.31
CA GLU D 19 -15.05 -30.40 -18.79
C GLU D 19 -13.61 -29.99 -18.95
N PRO D 20 -13.36 -28.68 -19.18
CA PRO D 20 -12.01 -28.17 -19.08
C PRO D 20 -11.30 -28.52 -17.75
N ARG D 21 -10.00 -28.78 -17.81
CA ARG D 21 -9.22 -29.02 -16.63
C ARG D 21 -8.95 -27.64 -16.04
N PHE D 22 -9.14 -27.47 -14.74
CA PHE D 22 -8.88 -26.16 -14.12
C PHE D 22 -8.04 -26.35 -12.88
N ILE D 23 -6.95 -25.59 -12.72
CA ILE D 23 -6.03 -25.74 -11.61
C ILE D 23 -5.72 -24.36 -11.11
N ALA D 24 -5.81 -24.14 -9.80
CA ALA D 24 -5.50 -22.82 -9.24
C ALA D 24 -4.50 -23.02 -8.16
N VAL D 25 -3.50 -22.14 -8.03
CA VAL D 25 -2.53 -22.28 -6.96
C VAL D 25 -2.24 -20.91 -6.42
N GLY D 26 -2.03 -20.85 -5.12
CA GLY D 26 -1.72 -19.58 -4.48
C GLY D 26 -0.36 -19.68 -3.84
N TYR D 27 0.42 -18.61 -3.93
CA TYR D 27 1.75 -18.53 -3.34
C TYR D 27 1.89 -17.25 -2.48
N VAL D 28 2.66 -17.31 -1.40
CA VAL D 28 3.22 -16.11 -0.71
C VAL D 28 4.70 -16.27 -0.89
N ASP D 29 5.32 -15.32 -1.59
CA ASP D 29 6.74 -15.38 -1.98
C ASP D 29 6.90 -16.69 -2.76
N ASP D 30 7.85 -17.52 -2.36
CA ASP D 30 8.13 -18.75 -3.09
C ASP D 30 7.49 -19.95 -2.41
N THR D 31 6.44 -19.73 -1.65
CA THR D 31 5.84 -20.83 -0.85
C THR D 31 4.39 -21.06 -1.30
N GLN D 32 4.09 -22.20 -1.89
CA GLN D 32 2.69 -22.45 -2.25
C GLN D 32 1.84 -22.71 -1.00
N PHE D 33 0.63 -22.16 -0.92
CA PHE D 33 -0.18 -22.28 0.30
C PHE D 33 -1.56 -22.83 0.09
N VAL D 34 -2.11 -22.71 -1.13
CA VAL D 34 -3.45 -23.26 -1.40
C VAL D 34 -3.49 -23.87 -2.77
N ARG D 35 -4.47 -24.76 -3.00
CA ARG D 35 -4.64 -25.28 -4.37
C ARG D 35 -6.10 -25.69 -4.61
N PHE D 36 -6.50 -25.69 -5.89
CA PHE D 36 -7.78 -26.29 -6.29
C PHE D 36 -7.47 -27.07 -7.54
N ASP D 37 -8.04 -28.26 -7.69
CA ASP D 37 -7.85 -28.97 -8.94
C ASP D 37 -9.20 -29.54 -9.27
N SER D 38 -9.75 -29.14 -10.43
CA SER D 38 -11.10 -29.58 -10.87
C SER D 38 -11.26 -31.07 -11.03
N ASP D 39 -10.15 -31.77 -11.21
CA ASP D 39 -10.21 -33.22 -11.30
C ASP D 39 -10.00 -33.92 -9.95
N ALA D 40 -9.68 -33.19 -8.90
CA ALA D 40 -9.54 -33.83 -7.60
C ALA D 40 -10.95 -34.10 -6.99
N ALA D 41 -11.03 -35.02 -6.04
CA ALA D 41 -12.35 -35.49 -5.60
C ALA D 41 -13.02 -34.53 -4.62
N SER D 42 -12.21 -33.74 -3.91
CA SER D 42 -12.72 -32.87 -2.83
C SER D 42 -13.58 -31.69 -3.29
N GLN D 43 -13.20 -31.06 -4.40
CA GLN D 43 -13.86 -29.86 -4.97
C GLN D 43 -13.83 -28.68 -4.03
N ARG D 44 -12.68 -28.53 -3.34
CA ARG D 44 -12.53 -27.56 -2.29
C ARG D 44 -11.24 -26.96 -2.56
N MET D 45 -11.10 -25.70 -2.19
CA MET D 45 -9.77 -25.15 -1.99
C MET D 45 -9.10 -25.89 -0.83
N GLU D 46 -7.85 -26.28 -1.01
CA GLU D 46 -7.14 -27.19 -0.09
C GLU D 46 -5.84 -26.50 0.36
N PRO D 47 -5.48 -26.67 1.63
CA PRO D 47 -4.23 -26.10 2.15
C PRO D 47 -2.95 -26.81 1.67
N ARG D 48 -1.87 -26.08 1.43
CA ARG D 48 -0.60 -26.68 0.98
C ARG D 48 0.58 -26.12 1.77
N ALA D 49 0.27 -25.40 2.84
CA ALA D 49 1.27 -24.91 3.79
C ALA D 49 0.69 -25.11 5.18
N PRO D 50 1.52 -25.50 6.18
CA PRO D 50 0.96 -25.73 7.53
C PRO D 50 0.39 -24.48 8.24
N TRP D 51 0.86 -23.30 7.89
CA TRP D 51 0.37 -22.09 8.52
C TRP D 51 -0.99 -21.60 8.03
N ILE D 52 -1.48 -22.10 6.91
CA ILE D 52 -2.84 -21.75 6.46
C ILE D 52 -3.87 -22.79 7.00
N GLU D 53 -3.39 -23.93 7.50
CA GLU D 53 -4.27 -25.07 7.88
C GLU D 53 -5.34 -24.74 8.93
N GLN D 54 -5.00 -23.81 9.82
CA GLN D 54 -5.88 -23.42 10.90
C GLN D 54 -6.70 -22.13 10.65
N GLU D 55 -6.82 -21.74 9.38
N GLU D 55 -6.95 -21.83 9.38
CA GLU D 55 -7.82 -20.77 8.99
CA GLU D 55 -7.74 -20.64 9.02
C GLU D 55 -9.12 -21.53 9.15
C GLU D 55 -9.21 -20.71 9.42
N GLY D 56 -10.12 -20.91 9.75
N GLY D 56 -9.75 -21.91 9.49
CA GLY D 56 -11.32 -21.65 10.07
CA GLY D 56 -11.12 -22.05 9.97
C GLY D 56 -12.11 -22.03 8.85
C GLY D 56 -12.08 -22.13 8.80
N PRO D 57 -13.27 -22.70 9.04
CA PRO D 57 -14.22 -23.08 7.97
C PRO D 57 -14.81 -21.92 7.15
N GLU D 58 -14.99 -20.75 7.75
CA GLU D 58 -15.43 -19.60 6.95
C GLU D 58 -14.44 -19.24 5.85
N TYR D 59 -13.15 -19.19 6.18
CA TYR D 59 -12.09 -19.07 5.15
C TYR D 59 -12.17 -20.12 4.07
N TRP D 60 -12.24 -21.40 4.44
CA TRP D 60 -12.20 -22.47 3.42
C TRP D 60 -13.44 -22.54 2.58
N ASP D 61 -14.60 -22.28 3.18
CA ASP D 61 -15.86 -22.27 2.42
C ASP D 61 -15.88 -21.11 1.44
N GLY D 62 -15.41 -19.95 1.90
CA GLY D 62 -15.38 -18.76 1.06
C GLY D 62 -14.39 -18.87 -0.07
N GLU D 63 -13.21 -19.43 0.16
CA GLU D 63 -12.26 -19.61 -0.93
C GLU D 63 -12.70 -20.69 -1.94
N THR D 64 -13.41 -21.70 -1.47
CA THR D 64 -13.90 -22.76 -2.32
C THR D 64 -14.96 -22.17 -3.23
N ARG D 65 -15.88 -21.37 -2.66
CA ARG D 65 -16.91 -20.67 -3.44
C ARG D 65 -16.28 -19.79 -4.54
N LYS D 66 -15.29 -18.97 -4.18
CA LYS D 66 -14.69 -18.12 -5.16
C LYS D 66 -13.87 -18.85 -6.21
N VAL D 67 -13.14 -19.90 -5.84
CA VAL D 67 -12.33 -20.61 -6.81
C VAL D 67 -13.17 -21.41 -7.81
N LYS D 68 -14.34 -21.87 -7.41
CA LYS D 68 -15.23 -22.57 -8.31
C LYS D 68 -15.88 -21.56 -9.24
N ALA D 69 -16.11 -20.36 -8.73
CA ALA D 69 -16.59 -19.24 -9.55
C ALA D 69 -15.54 -18.84 -10.57
N HIS D 70 -14.27 -18.73 -10.17
CA HIS D 70 -13.15 -18.58 -11.10
C HIS D 70 -13.16 -19.70 -12.19
N SER D 71 -13.31 -20.95 -11.76
CA SER D 71 -13.39 -22.12 -12.64
C SER D 71 -14.41 -21.97 -13.74
N GLN D 72 -15.59 -21.49 -13.37
CA GLN D 72 -16.70 -21.43 -14.30
C GLN D 72 -16.53 -20.34 -15.33
N THR D 73 -15.87 -19.24 -14.95
CA THR D 73 -15.74 -18.17 -15.90
C THR D 73 -14.66 -18.51 -16.91
N HIS D 74 -13.65 -19.27 -16.49
CA HIS D 74 -12.65 -19.77 -17.40
C HIS D 74 -13.20 -20.76 -18.42
N ARG D 75 -14.18 -21.53 -17.99
CA ARG D 75 -14.90 -22.46 -18.85
C ARG D 75 -15.73 -21.70 -19.89
N VAL D 76 -16.27 -20.55 -19.49
CA VAL D 76 -16.98 -19.68 -20.43
C VAL D 76 -15.96 -19.01 -21.36
N ASP D 77 -14.89 -18.49 -20.77
CA ASP D 77 -13.79 -17.87 -21.51
C ASP D 77 -13.17 -18.67 -22.65
N LEU D 78 -13.00 -19.98 -22.44
CA LEU D 78 -12.42 -20.84 -23.46
C LEU D 78 -13.28 -20.86 -24.74
N GLY D 79 -14.60 -20.89 -24.54
CA GLY D 79 -15.56 -20.85 -25.65
C GLY D 79 -15.61 -19.51 -26.36
N THR D 80 -15.50 -18.42 -25.59
CA THR D 80 -15.54 -17.06 -26.14
C THR D 80 -14.30 -16.85 -26.99
N LEU D 81 -13.12 -17.20 -26.45
CA LEU D 81 -11.83 -17.10 -27.17
C LEU D 81 -11.75 -17.91 -28.47
N ARG D 82 -12.35 -19.10 -28.44
CA ARG D 82 -12.54 -19.96 -29.62
C ARG D 82 -13.33 -19.26 -30.73
N GLY D 83 -14.42 -18.58 -30.36
CA GLY D 83 -15.21 -17.83 -31.32
C GLY D 83 -14.48 -16.60 -31.84
N TYR D 84 -13.79 -15.86 -30.97
CA TYR D 84 -13.02 -14.67 -31.36
C TYR D 84 -11.92 -14.95 -32.37
N TYR D 85 -11.23 -16.09 -32.21
CA TYR D 85 -10.11 -16.41 -33.07
C TYR D 85 -10.51 -17.36 -34.18
N ASN D 86 -11.82 -17.62 -34.27
CA ASN D 86 -12.43 -18.44 -35.31
C ASN D 86 -11.85 -19.85 -35.31
N GLN D 87 -11.70 -20.42 -34.11
CA GLN D 87 -11.03 -21.71 -33.94
C GLN D 87 -12.01 -22.86 -33.97
N SER D 88 -11.55 -24.03 -34.41
CA SER D 88 -12.41 -25.21 -34.39
C SER D 88 -12.64 -25.76 -32.99
N GLU D 89 -13.70 -26.56 -32.88
CA GLU D 89 -14.16 -27.06 -31.59
C GLU D 89 -13.32 -28.24 -31.08
N ALA D 90 -12.58 -28.89 -31.99
CA ALA D 90 -11.83 -30.09 -31.65
C ALA D 90 -10.43 -29.89 -31.06
N GLY D 91 -9.87 -28.69 -31.10
CA GLY D 91 -8.54 -28.51 -30.53
C GLY D 91 -8.52 -28.11 -29.08
N SER D 92 -7.44 -28.51 -28.39
CA SER D 92 -7.26 -28.14 -27.00
C SER D 92 -6.56 -26.77 -26.91
N HIS D 93 -7.10 -25.88 -26.08
CA HIS D 93 -6.53 -24.57 -25.90
C HIS D 93 -6.29 -24.30 -24.44
N THR D 94 -5.47 -23.29 -24.14
CA THR D 94 -5.02 -23.03 -22.80
C THR D 94 -5.22 -21.53 -22.48
N VAL D 95 -5.91 -21.26 -21.38
CA VAL D 95 -6.05 -19.96 -20.83
C VAL D 95 -5.25 -19.90 -19.51
N GLN D 96 -4.48 -18.82 -19.27
CA GLN D 96 -3.79 -18.68 -17.99
C GLN D 96 -4.05 -17.30 -17.47
N ARG D 97 -4.15 -17.16 -16.14
CA ARG D 97 -4.36 -15.87 -15.51
C ARG D 97 -3.49 -15.81 -14.29
N MET D 98 -2.90 -14.65 -14.01
CA MET D 98 -2.13 -14.47 -12.80
C MET D 98 -2.50 -13.11 -12.28
N TYR D 99 -2.73 -13.02 -10.98
CA TYR D 99 -2.87 -11.73 -10.34
C TYR D 99 -2.28 -11.78 -8.98
N GLY D 100 -1.90 -10.58 -8.49
CA GLY D 100 -1.43 -10.56 -7.12
C GLY D 100 -0.81 -9.22 -6.84
N CYS D 101 -0.06 -9.13 -5.75
CA CYS D 101 0.53 -7.86 -5.30
C CYS D 101 1.89 -8.03 -4.66
N ASP D 102 2.70 -6.95 -4.68
CA ASP D 102 4.07 -6.91 -4.13
C ASP D 102 4.10 -5.86 -3.04
N VAL D 103 4.85 -6.13 -1.98
CA VAL D 103 5.04 -5.12 -0.92
C VAL D 103 6.51 -4.91 -0.66
N GLY D 104 6.90 -3.80 -0.08
CA GLY D 104 8.31 -3.62 0.18
C GLY D 104 8.73 -4.28 1.48
N SER D 105 9.93 -3.97 1.97
CA SER D 105 10.29 -4.61 3.23
C SER D 105 9.55 -4.00 4.42
N ASP D 106 8.83 -2.91 4.14
CA ASP D 106 7.96 -2.23 5.11
C ASP D 106 6.52 -2.66 4.99
N TRP D 107 6.29 -3.66 4.13
CA TRP D 107 5.00 -4.32 3.95
C TRP D 107 3.93 -3.40 3.32
N ARG D 108 4.38 -2.33 2.65
CA ARG D 108 3.47 -1.45 1.94
C ARG D 108 3.51 -1.77 0.48
N PHE D 109 2.34 -1.70 -0.14
CA PHE D 109 2.14 -1.76 -1.59
C PHE D 109 3.24 -1.15 -2.54
N LEU D 110 3.77 -1.99 -3.43
CA LEU D 110 4.69 -1.49 -4.46
C LEU D 110 4.01 -1.57 -5.79
N ARG D 111 3.45 -2.74 -6.11
CA ARG D 111 3.04 -3.05 -7.46
C ARG D 111 1.81 -3.94 -7.33
N GLY D 112 0.84 -3.82 -8.24
CA GLY D 112 -0.21 -4.84 -8.38
C GLY D 112 -0.26 -5.30 -9.82
N TYR D 113 -0.82 -6.49 -10.06
CA TYR D 113 -0.67 -7.27 -11.32
C TYR D 113 -1.96 -7.98 -11.63
N HIS D 114 -2.31 -8.04 -12.89
CA HIS D 114 -3.37 -8.92 -13.30
C HIS D 114 -3.18 -9.14 -14.78
N GLN D 115 -2.82 -10.36 -15.19
CA GLN D 115 -2.62 -10.58 -16.60
C GLN D 115 -3.17 -11.91 -17.06
N TYR D 116 -3.32 -12.02 -18.37
CA TYR D 116 -4.09 -13.10 -18.94
C TYR D 116 -3.44 -13.51 -20.23
N ALA D 117 -3.45 -14.81 -20.51
CA ALA D 117 -2.84 -15.33 -21.72
C ALA D 117 -3.74 -16.35 -22.37
N TYR D 118 -3.67 -16.42 -23.69
CA TYR D 118 -4.39 -17.45 -24.44
C TYR D 118 -3.36 -18.19 -25.30
N ASP D 119 -3.26 -19.50 -25.08
CA ASP D 119 -2.32 -20.39 -25.75
C ASP D 119 -0.86 -19.96 -25.62
N GLY D 120 -0.51 -19.49 -24.42
CA GLY D 120 0.86 -19.17 -24.08
C GLY D 120 1.40 -17.85 -24.51
N LYS D 121 0.54 -17.01 -25.07
CA LYS D 121 0.96 -15.66 -25.35
C LYS D 121 0.07 -14.63 -24.69
N ASP D 122 0.65 -13.48 -24.36
CA ASP D 122 -0.05 -12.33 -23.76
C ASP D 122 -1.35 -12.07 -24.43
N TYR D 123 -2.40 -11.89 -23.64
CA TYR D 123 -3.72 -11.55 -24.17
C TYR D 123 -4.14 -10.17 -23.66
N ILE D 124 -4.23 -9.98 -22.35
CA ILE D 124 -4.56 -8.67 -21.77
C ILE D 124 -3.88 -8.51 -20.42
N ALA D 125 -3.44 -7.31 -20.10
CA ALA D 125 -2.72 -7.12 -18.85
C ALA D 125 -3.02 -5.76 -18.29
N LEU D 126 -3.18 -5.68 -16.98
CA LEU D 126 -3.42 -4.42 -16.34
C LEU D 126 -2.12 -3.65 -16.34
N LYS D 127 -2.17 -2.40 -16.75
CA LYS D 127 -0.95 -1.59 -16.76
C LYS D 127 -0.63 -1.19 -15.34
N GLU D 128 0.56 -0.65 -15.14
CA GLU D 128 1.07 -0.40 -13.79
C GLU D 128 0.41 0.77 -13.06
N ASP D 129 -0.14 1.73 -13.80
CA ASP D 129 -0.98 2.78 -13.21
C ASP D 129 -2.29 2.27 -12.60
N LEU D 130 -2.62 1.00 -12.89
CA LEU D 130 -3.78 0.27 -12.36
C LEU D 130 -5.09 0.90 -12.89
N ARG D 131 -4.98 1.60 -14.02
CA ARG D 131 -6.11 2.32 -14.61
C ARG D 131 -6.38 1.92 -16.08
N SER D 132 -5.44 1.22 -16.72
CA SER D 132 -5.51 1.02 -18.16
C SER D 132 -5.08 -0.38 -18.48
N TRP D 133 -5.37 -0.84 -19.68
CA TRP D 133 -5.15 -2.24 -20.09
C TRP D 133 -4.26 -2.30 -21.32
N THR D 134 -3.45 -3.35 -21.43
CA THR D 134 -2.66 -3.57 -22.65
C THR D 134 -3.24 -4.74 -23.37
N ALA D 135 -3.71 -4.48 -24.57
N ALA D 135 -3.65 -4.56 -24.62
CA ALA D 135 -4.21 -5.49 -25.48
CA ALA D 135 -4.27 -5.64 -25.39
C ALA D 135 -3.33 -5.44 -26.73
C ALA D 135 -3.38 -6.36 -26.44
N ALA D 136 -2.85 -6.59 -27.21
N ALA D 136 -3.04 -5.67 -27.52
CA ALA D 136 -2.12 -6.62 -28.50
CA ALA D 136 -2.25 -6.28 -28.62
C ALA D 136 -3.08 -6.76 -29.68
C ALA D 136 -3.08 -6.77 -29.80
N ASP D 137 -3.91 -7.80 -29.59
CA ASP D 137 -4.77 -8.23 -30.68
C ASP D 137 -5.98 -7.35 -30.82
N MET D 138 -6.70 -7.58 -31.91
CA MET D 138 -8.02 -7.01 -32.09
C MET D 138 -9.04 -7.71 -31.21
N ALA D 139 -8.89 -9.03 -31.08
CA ALA D 139 -9.65 -9.85 -30.10
C ALA D 139 -9.47 -9.31 -28.70
N ALA D 140 -8.23 -9.12 -28.29
CA ALA D 140 -7.98 -8.57 -26.98
C ALA D 140 -8.47 -7.13 -26.80
N GLN D 141 -8.55 -6.36 -27.90
CA GLN D 141 -9.12 -5.01 -27.83
C GLN D 141 -10.63 -5.05 -27.52
N THR D 142 -11.32 -6.06 -28.05
CA THR D 142 -12.72 -6.36 -27.70
C THR D 142 -12.96 -6.60 -26.20
N THR D 143 -12.16 -7.49 -25.58
CA THR D 143 -12.14 -7.70 -24.16
C THR D 143 -11.77 -6.43 -23.37
N LYS D 144 -10.80 -5.66 -23.88
CA LYS D 144 -10.42 -4.40 -23.24
C LYS D 144 -11.60 -3.45 -23.13
N HIS D 145 -12.36 -3.34 -24.21
CA HIS D 145 -13.56 -2.48 -24.21
C HIS D 145 -14.65 -2.97 -23.26
N LYS D 146 -14.85 -4.29 -23.17
CA LYS D 146 -15.76 -4.90 -22.18
C LYS D 146 -15.40 -4.50 -20.76
N TRP D 147 -14.12 -4.59 -20.46
CA TRP D 147 -13.62 -4.40 -19.15
C TRP D 147 -13.55 -2.91 -18.78
N GLU D 148 -13.42 -2.06 -19.80
CA GLU D 148 -13.51 -0.61 -19.63
C GLU D 148 -14.94 -0.17 -19.30
N ALA D 149 -15.91 -0.67 -20.07
CA ALA D 149 -17.34 -0.36 -19.82
C ALA D 149 -17.83 -0.82 -18.45
N ALA D 150 -17.28 -1.93 -17.98
CA ALA D 150 -17.67 -2.50 -16.69
C ALA D 150 -16.83 -2.00 -15.51
N HIS D 151 -15.90 -1.08 -15.78
CA HIS D 151 -14.99 -0.53 -14.77
C HIS D 151 -14.25 -1.58 -13.97
N VAL D 152 -13.74 -2.60 -14.68
CA VAL D 152 -13.01 -3.69 -14.05
C VAL D 152 -11.73 -3.24 -13.38
N ALA D 153 -11.00 -2.31 -14.02
CA ALA D 153 -9.71 -1.83 -13.49
C ALA D 153 -9.86 -1.14 -12.15
N GLU D 154 -10.93 -0.34 -12.00
CA GLU D 154 -11.26 0.30 -10.72
C GLU D 154 -11.50 -0.68 -9.58
N GLN D 155 -12.32 -1.68 -9.84
CA GLN D 155 -12.61 -2.74 -8.87
C GLN D 155 -11.36 -3.55 -8.50
N LEU D 156 -10.52 -3.80 -9.48
CA LEU D 156 -9.34 -4.60 -9.31
C LEU D 156 -8.28 -3.85 -8.49
N ARG D 157 -8.17 -2.56 -8.73
CA ARG D 157 -7.33 -1.66 -7.94
C ARG D 157 -7.63 -1.68 -6.43
N ALA D 158 -8.92 -1.62 -6.10
CA ALA D 158 -9.39 -1.73 -4.74
C ALA D 158 -8.92 -3.05 -4.12
N TYR D 159 -9.04 -4.15 -4.87
CA TYR D 159 -8.51 -5.44 -4.43
C TYR D 159 -6.98 -5.47 -4.23
N LEU D 160 -6.23 -4.94 -5.19
CA LEU D 160 -4.77 -5.13 -5.28
C LEU D 160 -4.04 -4.28 -4.24
N GLU D 161 -4.63 -3.11 -3.93
CA GLU D 161 -4.04 -2.15 -3.00
C GLU D 161 -4.62 -2.31 -1.59
N GLY D 162 -5.71 -3.06 -1.50
CA GLY D 162 -6.44 -3.22 -0.25
C GLY D 162 -6.39 -4.69 0.16
N THR D 163 -7.41 -5.48 -0.20
CA THR D 163 -7.53 -6.88 0.23
C THR D 163 -6.29 -7.74 -0.03
N CYS D 164 -5.66 -7.56 -1.18
CA CYS D 164 -4.49 -8.35 -1.52
C CYS D 164 -3.37 -8.05 -0.51
N VAL D 165 -3.10 -6.78 -0.26
CA VAL D 165 -2.00 -6.51 0.67
C VAL D 165 -2.32 -6.82 2.14
N GLU D 166 -3.56 -6.53 2.59
CA GLU D 166 -4.04 -6.89 3.95
C GLU D 166 -3.84 -8.37 4.28
N TRP D 167 -4.27 -9.23 3.36
CA TRP D 167 -4.20 -10.66 3.56
C TRP D 167 -2.77 -11.17 3.48
N LEU D 168 -1.98 -10.57 2.59
CA LEU D 168 -0.57 -10.91 2.47
C LEU D 168 0.10 -10.62 3.81
N ARG D 169 -0.15 -9.45 4.41
CA ARG D 169 0.44 -9.15 5.74
C ARG D 169 -0.04 -10.10 6.83
N ARG D 170 -1.31 -10.53 6.72
CA ARG D 170 -1.86 -11.48 7.67
C ARG D 170 -1.16 -12.83 7.54
N TYR D 171 -0.99 -13.31 6.31
CA TYR D 171 -0.24 -14.56 6.04
C TYR D 171 1.21 -14.50 6.49
N LEU D 172 1.89 -13.40 6.18
CA LEU D 172 3.25 -13.13 6.66
C LEU D 172 3.41 -13.26 8.17
N GLU D 173 2.46 -12.72 8.93
CA GLU D 173 2.44 -12.90 10.38
C GLU D 173 2.05 -14.29 10.87
N ASN D 174 0.97 -14.84 10.33
CA ASN D 174 0.55 -16.20 10.70
C ASN D 174 1.57 -17.27 10.37
N GLY D 175 2.28 -17.09 9.26
CA GLY D 175 3.33 -17.99 8.88
C GLY D 175 4.75 -17.55 9.09
N LYS D 176 4.94 -16.68 10.10
CA LYS D 176 6.20 -16.00 10.38
C LYS D 176 7.44 -16.90 10.41
N GLU D 177 7.37 -18.03 11.10
CA GLU D 177 8.54 -18.92 11.18
C GLU D 177 9.07 -19.49 9.85
N THR D 178 8.17 -19.63 8.87
CA THR D 178 8.42 -20.10 7.50
C THR D 178 8.72 -18.90 6.61
N LEU D 179 7.76 -18.00 6.52
CA LEU D 179 7.77 -16.94 5.52
C LEU D 179 8.75 -15.79 5.84
N GLN D 180 8.99 -15.53 7.12
CA GLN D 180 9.90 -14.45 7.49
C GLN D 180 11.29 -14.99 7.87
N ARG D 181 11.59 -16.22 7.48
CA ARG D 181 12.94 -16.72 7.76
C ARG D 181 13.80 -16.36 6.55
N THR D 182 15.09 -16.22 6.75
CA THR D 182 15.95 -16.27 5.59
C THR D 182 16.95 -17.32 5.94
N ASP D 183 17.06 -18.34 5.12
CA ASP D 183 18.07 -19.38 5.31
C ASP D 183 19.17 -19.05 4.33
N ALA D 184 20.33 -18.62 4.83
CA ALA D 184 21.56 -18.44 4.04
C ALA D 184 21.94 -19.72 3.35
N PRO D 185 22.46 -19.64 2.11
CA PRO D 185 22.83 -20.88 1.38
C PRO D 185 24.00 -21.59 2.02
N LYS D 186 23.97 -22.91 2.05
CA LYS D 186 25.15 -23.65 2.44
C LYS D 186 25.98 -23.90 1.19
N THR D 187 27.24 -23.44 1.19
CA THR D 187 28.03 -23.50 -0.04
C THR D 187 29.22 -24.46 -0.01
N HIS D 188 29.57 -25.02 -1.17
CA HIS D 188 30.79 -25.79 -1.35
C HIS D 188 31.10 -25.88 -2.82
N MET D 189 32.33 -26.32 -3.11
CA MET D 189 32.79 -26.59 -4.46
C MET D 189 33.16 -28.05 -4.69
N THR D 190 33.01 -28.51 -5.93
CA THR D 190 33.55 -29.80 -6.34
C THR D 190 34.49 -29.58 -7.53
N HIS D 191 35.43 -30.48 -7.67
CA HIS D 191 36.39 -30.48 -8.75
C HIS D 191 36.38 -31.84 -9.41
N HIS D 192 36.26 -31.89 -10.73
CA HIS D 192 36.24 -33.16 -11.42
C HIS D 192 36.98 -33.04 -12.74
N ALA D 193 37.96 -33.91 -12.95
CA ALA D 193 38.83 -33.85 -14.13
C ALA D 193 38.10 -34.29 -15.40
N VAL D 194 38.05 -33.41 -16.41
CA VAL D 194 37.46 -33.77 -17.69
C VAL D 194 38.44 -34.61 -18.52
N SER D 195 39.60 -34.02 -18.82
CA SER D 195 40.70 -34.69 -19.51
C SER D 195 41.94 -34.62 -18.59
N ASP D 196 43.12 -34.64 -19.19
CA ASP D 196 44.34 -34.40 -18.42
C ASP D 196 44.72 -32.93 -18.44
N HIS D 197 44.05 -32.14 -19.29
CA HIS D 197 44.44 -30.74 -19.41
C HIS D 197 43.41 -29.74 -18.88
N GLU D 198 42.25 -30.24 -18.48
CA GLU D 198 41.25 -29.41 -17.84
C GLU D 198 40.38 -30.14 -16.81
N ALA D 199 39.65 -29.32 -16.05
CA ALA D 199 38.78 -29.78 -14.99
C ALA D 199 37.56 -28.86 -14.82
N THR D 200 36.43 -29.45 -14.44
CA THR D 200 35.25 -28.66 -14.09
C THR D 200 35.29 -28.26 -12.63
N LEU D 201 35.11 -26.98 -12.35
CA LEU D 201 34.87 -26.56 -10.98
C LEU D 201 33.42 -26.15 -10.88
N ARG D 202 32.72 -26.69 -9.89
CA ARG D 202 31.30 -26.37 -9.71
C ARG D 202 31.06 -25.78 -8.33
N CYS D 203 30.36 -24.65 -8.25
CA CYS D 203 30.11 -23.99 -6.98
C CYS D 203 28.62 -24.21 -6.69
N TRP D 204 28.31 -24.74 -5.51
CA TRP D 204 26.96 -25.04 -5.04
C TRP D 204 26.39 -24.10 -4.00
N ALA D 205 25.12 -23.75 -4.15
CA ALA D 205 24.38 -23.09 -3.08
C ALA D 205 23.16 -23.98 -2.79
N LEU D 206 23.02 -24.40 -1.55
CA LEU D 206 22.02 -25.36 -1.13
C LEU D 206 21.26 -24.84 0.08
N SER D 207 20.04 -25.37 0.23
CA SER D 207 19.15 -25.07 1.37
CA SER D 207 19.20 -25.09 1.41
C SER D 207 18.92 -23.61 1.70
N PHE D 208 18.65 -22.84 0.67
CA PHE D 208 18.49 -21.41 0.90
C PHE D 208 17.03 -21.04 0.75
N TYR D 209 16.66 -19.95 1.44
CA TYR D 209 15.32 -19.38 1.32
C TYR D 209 15.48 -17.92 1.65
N PRO D 210 14.88 -17.01 0.85
CA PRO D 210 14.09 -17.20 -0.37
C PRO D 210 14.89 -17.58 -1.60
N ALA D 211 14.17 -17.78 -2.71
CA ALA D 211 14.76 -18.34 -3.92
C ALA D 211 15.70 -17.38 -4.61
N GLU D 212 15.51 -16.09 -4.41
CA GLU D 212 16.41 -15.10 -5.02
C GLU D 212 17.88 -15.26 -4.58
N ILE D 213 18.77 -15.40 -5.56
CA ILE D 213 20.20 -15.59 -5.33
C ILE D 213 20.97 -15.14 -6.60
N THR D 214 22.16 -14.58 -6.39
CA THR D 214 23.13 -14.40 -7.48
C THR D 214 24.35 -15.29 -7.23
N LEU D 215 24.65 -16.16 -8.19
CA LEU D 215 25.77 -17.07 -8.13
C LEU D 215 26.62 -16.94 -9.41
N THR D 216 27.89 -16.62 -9.27
CA THR D 216 28.71 -16.34 -10.46
C THR D 216 30.15 -16.84 -10.26
N TRP D 217 30.83 -17.13 -11.36
CA TRP D 217 32.26 -17.32 -11.33
C TRP D 217 32.99 -16.13 -11.95
N GLN D 218 34.20 -15.89 -11.47
CA GLN D 218 35.10 -14.89 -12.00
C GLN D 218 36.48 -15.50 -12.23
N ARG D 219 37.20 -15.01 -13.24
CA ARG D 219 38.60 -15.40 -13.42
C ARG D 219 39.48 -14.16 -13.23
N ASP D 220 40.39 -14.24 -12.27
CA ASP D 220 41.17 -13.00 -11.85
C ASP D 220 40.21 -11.84 -11.55
N GLY D 221 39.06 -12.16 -10.99
CA GLY D 221 38.02 -11.20 -10.65
C GLY D 221 37.28 -10.56 -11.81
N GLU D 222 37.48 -11.04 -13.03
CA GLU D 222 36.78 -10.58 -14.22
C GLU D 222 35.58 -11.49 -14.63
N ASP D 223 34.61 -10.89 -15.32
CA ASP D 223 33.43 -11.56 -15.93
C ASP D 223 33.72 -12.91 -16.53
N GLN D 224 32.91 -13.91 -16.19
CA GLN D 224 32.95 -15.21 -16.87
C GLN D 224 31.59 -15.71 -17.34
N THR D 225 30.63 -14.82 -17.54
CA THR D 225 29.22 -15.22 -17.75
C THR D 225 29.05 -16.16 -18.95
N GLN D 226 29.70 -15.81 -20.05
CA GLN D 226 29.60 -16.61 -21.27
C GLN D 226 30.31 -17.93 -21.18
N ASP D 227 31.19 -18.09 -20.20
CA ASP D 227 31.93 -19.33 -19.98
C ASP D 227 31.48 -20.13 -18.73
N THR D 228 30.36 -19.72 -18.12
CA THR D 228 29.86 -20.36 -16.92
C THR D 228 28.59 -21.15 -17.27
N GLU D 229 28.50 -22.42 -16.89
CA GLU D 229 27.19 -23.05 -17.01
C GLU D 229 26.45 -22.78 -15.70
N LEU D 230 25.29 -22.14 -15.79
CA LEU D 230 24.52 -21.72 -14.61
C LEU D 230 23.14 -22.38 -14.72
N VAL D 231 22.74 -23.18 -13.74
CA VAL D 231 21.42 -23.83 -13.87
C VAL D 231 20.35 -22.96 -13.30
N GLU D 232 19.12 -23.17 -13.74
N GLU D 232 19.12 -23.15 -13.74
CA GLU D 232 17.95 -22.55 -13.12
CA GLU D 232 18.04 -22.43 -13.10
C GLU D 232 17.90 -22.90 -11.61
C GLU D 232 17.87 -22.88 -11.63
N THR D 233 17.48 -21.92 -10.80
CA THR D 233 17.24 -22.13 -9.38
C THR D 233 16.10 -23.13 -9.28
N ARG D 234 16.27 -24.11 -8.40
CA ARG D 234 15.42 -25.29 -8.45
C ARG D 234 15.01 -25.66 -7.01
N PRO D 235 13.75 -26.08 -6.82
CA PRO D 235 13.24 -26.42 -5.49
C PRO D 235 13.81 -27.75 -4.98
N ALA D 236 14.29 -27.74 -3.74
CA ALA D 236 14.73 -28.95 -3.08
C ALA D 236 13.56 -29.91 -2.74
N GLY D 237 12.35 -29.36 -2.61
CA GLY D 237 11.14 -30.11 -2.26
C GLY D 237 10.71 -29.96 -0.80
N ASP D 238 11.58 -29.35 0.00
CA ASP D 238 11.35 -29.17 1.45
C ASP D 238 11.14 -27.70 1.79
N GLY D 239 10.91 -26.88 0.78
CA GLY D 239 10.69 -25.45 0.96
C GLY D 239 11.95 -24.61 0.83
N THR D 240 13.09 -25.27 0.60
CA THR D 240 14.34 -24.61 0.26
C THR D 240 14.74 -24.75 -1.21
N PHE D 241 15.76 -23.98 -1.61
CA PHE D 241 16.17 -23.88 -3.01
C PHE D 241 17.64 -24.25 -3.23
N GLN D 242 17.94 -24.69 -4.45
CA GLN D 242 19.32 -25.07 -4.85
C GLN D 242 19.74 -24.34 -6.12
N LYS D 243 21.05 -24.12 -6.28
CA LYS D 243 21.56 -23.61 -7.57
C LYS D 243 23.03 -24.02 -7.68
N TRP D 244 23.49 -24.27 -8.90
CA TRP D 244 24.94 -24.37 -9.08
C TRP D 244 25.47 -23.58 -10.27
N ALA D 245 26.78 -23.24 -10.26
CA ALA D 245 27.45 -22.59 -11.39
C ALA D 245 28.72 -23.39 -11.65
N ALA D 246 29.03 -23.70 -12.90
CA ALA D 246 30.30 -24.38 -13.20
C ALA D 246 31.15 -23.72 -14.29
N VAL D 247 32.48 -23.88 -14.21
CA VAL D 247 33.39 -23.42 -15.26
C VAL D 247 34.38 -24.53 -15.51
N VAL D 248 34.88 -24.59 -16.75
CA VAL D 248 36.01 -25.42 -17.09
C VAL D 248 37.34 -24.68 -17.00
N VAL D 249 38.23 -25.28 -16.22
CA VAL D 249 39.41 -24.63 -15.73
C VAL D 249 40.57 -25.40 -16.34
N PRO D 250 41.44 -24.72 -17.10
CA PRO D 250 42.68 -25.35 -17.56
C PRO D 250 43.64 -25.72 -16.43
N SER D 251 44.56 -26.63 -16.74
CA SER D 251 45.62 -27.13 -15.85
C SER D 251 46.33 -26.11 -15.03
N GLY D 252 46.15 -26.28 -13.72
CA GLY D 252 46.87 -25.47 -12.75
C GLY D 252 46.35 -24.06 -12.65
N GLN D 253 45.11 -23.78 -13.10
CA GLN D 253 44.58 -22.42 -13.02
C GLN D 253 43.48 -22.27 -12.00
N GLU D 254 43.27 -23.28 -11.14
CA GLU D 254 42.15 -23.28 -10.18
C GLU D 254 42.17 -22.05 -9.28
N GLN D 255 43.36 -21.64 -8.88
CA GLN D 255 43.54 -20.48 -8.00
C GLN D 255 43.16 -19.13 -8.62
N ARG D 256 42.96 -19.09 -9.94
CA ARG D 256 42.54 -17.85 -10.64
C ARG D 256 41.08 -17.62 -10.54
N TYR D 257 40.34 -18.67 -10.22
CA TYR D 257 38.90 -18.60 -10.20
C TYR D 257 38.30 -18.43 -8.81
N THR D 258 37.31 -17.55 -8.73
CA THR D 258 36.53 -17.42 -7.55
C THR D 258 35.06 -17.50 -7.81
N CYS D 259 34.33 -18.16 -6.91
CA CYS D 259 32.87 -18.17 -6.94
C CYS D 259 32.26 -17.15 -5.99
N HIS D 260 31.28 -16.38 -6.48
CA HIS D 260 30.63 -15.32 -5.74
C HIS D 260 29.19 -15.60 -5.49
N VAL D 261 28.77 -15.43 -4.24
CA VAL D 261 27.37 -15.77 -3.80
C VAL D 261 26.76 -14.57 -3.07
N GLN D 262 25.60 -14.10 -3.55
CA GLN D 262 24.81 -13.08 -2.87
C GLN D 262 23.44 -13.63 -2.60
N HIS D 263 22.93 -13.37 -1.40
CA HIS D 263 21.62 -13.84 -0.94
C HIS D 263 21.27 -12.99 0.25
N GLU D 264 19.97 -12.79 0.49
CA GLU D 264 19.52 -11.97 1.61
C GLU D 264 19.93 -12.53 2.99
N GLY D 265 20.09 -13.85 3.06
CA GLY D 265 20.60 -14.56 4.22
C GLY D 265 22.08 -14.36 4.59
N LEU D 266 22.87 -13.69 3.75
CA LEU D 266 24.28 -13.46 4.00
C LEU D 266 24.60 -12.00 4.35
N PRO D 267 25.20 -11.80 5.53
CA PRO D 267 25.64 -10.51 6.06
C PRO D 267 26.59 -9.81 5.09
N LYS D 268 27.47 -10.57 4.46
CA LYS D 268 28.30 -10.08 3.37
C LYS D 268 28.32 -11.13 2.25
N PRO D 269 28.43 -10.68 1.01
CA PRO D 269 28.63 -11.68 -0.05
C PRO D 269 29.88 -12.58 0.14
N LEU D 270 29.74 -13.81 -0.31
CA LEU D 270 30.80 -14.79 -0.22
C LEU D 270 31.65 -14.82 -1.46
N THR D 271 32.96 -14.97 -1.24
CA THR D 271 33.91 -15.25 -2.28
C THR D 271 34.65 -16.54 -1.96
N LEU D 272 34.47 -17.57 -2.80
CA LEU D 272 35.07 -18.86 -2.54
C LEU D 272 36.15 -19.15 -3.59
N ARG D 273 37.17 -19.90 -3.25
CA ARG D 273 38.28 -20.14 -4.18
C ARG D 273 38.75 -21.55 -3.91
N TRP D 274 38.93 -22.35 -4.95
CA TRP D 274 39.50 -23.70 -4.78
C TRP D 274 40.95 -23.58 -4.42
N GLU D 275 41.31 -24.00 -3.20
CA GLU D 275 42.70 -23.94 -2.73
C GLU D 275 42.97 -24.96 -1.62
N MET E 1 0.27 -23.21 -32.88
CA MET E 1 0.30 -22.49 -31.59
C MET E 1 1.66 -22.66 -30.95
N ILE E 2 1.90 -21.87 -29.91
CA ILE E 2 3.15 -21.86 -29.16
C ILE E 2 3.47 -23.23 -28.54
N GLN E 3 4.70 -23.69 -28.73
CA GLN E 3 5.16 -24.96 -28.20
C GLN E 3 6.57 -24.72 -27.68
N ARG E 4 6.80 -24.96 -26.41
CA ARG E 4 8.12 -24.73 -25.82
C ARG E 4 8.57 -26.01 -25.16
N THR E 5 9.84 -26.33 -25.34
CA THR E 5 10.47 -27.56 -24.87
C THR E 5 10.78 -27.54 -23.36
N PRO E 6 10.44 -28.61 -22.64
CA PRO E 6 10.80 -28.74 -21.21
C PRO E 6 12.30 -28.74 -20.95
N LYS E 7 12.73 -27.92 -20.01
CA LYS E 7 14.08 -28.06 -19.51
C LYS E 7 13.99 -29.08 -18.37
N ILE E 8 15.05 -29.85 -18.11
CA ILE E 8 14.95 -30.96 -17.16
C ILE E 8 16.17 -30.92 -16.25
N GLN E 9 15.95 -30.95 -14.93
CA GLN E 9 17.04 -31.24 -13.99
C GLN E 9 16.68 -32.42 -13.09
N VAL E 10 17.59 -33.39 -12.99
CA VAL E 10 17.39 -34.50 -12.07
CA VAL E 10 17.45 -34.54 -12.10
CA VAL E 10 17.44 -34.49 -12.06
C VAL E 10 18.44 -34.44 -10.95
N TYR E 11 17.94 -34.56 -9.72
CA TYR E 11 18.80 -34.30 -8.60
C TYR E 11 18.20 -34.78 -7.30
N SER E 12 19.06 -34.91 -6.30
CA SER E 12 18.53 -35.24 -4.98
C SER E 12 18.25 -34.02 -4.08
N ARG E 13 17.31 -34.19 -3.16
CA ARG E 13 17.04 -33.13 -2.18
C ARG E 13 18.25 -32.78 -1.29
N HIS E 14 18.97 -33.81 -0.78
CA HIS E 14 20.15 -33.59 0.06
C HIS E 14 21.32 -34.18 -0.71
N PRO E 15 22.57 -33.77 -0.39
CA PRO E 15 23.74 -34.48 -0.93
C PRO E 15 23.61 -36.01 -0.77
N ALA E 16 23.91 -36.74 -1.84
CA ALA E 16 23.63 -38.17 -1.86
C ALA E 16 24.62 -38.95 -1.00
N GLU E 17 24.11 -39.75 -0.09
CA GLU E 17 24.98 -40.48 0.77
C GLU E 17 24.46 -41.88 0.70
N ASN E 18 25.31 -42.80 0.28
CA ASN E 18 24.93 -44.20 0.18
C ASN E 18 24.32 -44.78 1.46
N GLY E 19 23.11 -45.32 1.31
CA GLY E 19 22.42 -45.91 2.43
C GLY E 19 21.58 -44.98 3.31
N LYS E 20 21.53 -43.69 2.97
CA LYS E 20 20.72 -42.75 3.72
C LYS E 20 19.53 -42.25 2.92
N SER E 21 18.38 -42.23 3.58
CA SER E 21 17.14 -41.79 2.95
C SER E 21 17.22 -40.36 2.38
N ASN E 22 16.52 -40.16 1.28
CA ASN E 22 16.63 -38.93 0.51
C ASN E 22 15.41 -38.84 -0.36
N PHE E 23 15.36 -37.80 -1.18
CA PHE E 23 14.35 -37.62 -2.22
C PHE E 23 15.03 -37.37 -3.54
N LEU E 24 14.56 -38.08 -4.57
CA LEU E 24 15.03 -37.86 -5.92
C LEU E 24 14.02 -36.95 -6.62
N ASN E 25 14.50 -35.88 -7.24
CA ASN E 25 13.65 -34.87 -7.89
C ASN E 25 13.85 -34.83 -9.37
N CYS E 26 12.80 -34.47 -10.08
CA CYS E 26 12.94 -34.13 -11.47
C CYS E 26 12.14 -32.88 -11.64
N TYR E 27 12.85 -31.79 -11.89
CA TYR E 27 12.27 -30.47 -12.05
C TYR E 27 12.17 -30.18 -13.56
N VAL E 28 10.93 -30.04 -14.04
CA VAL E 28 10.69 -29.70 -15.44
C VAL E 28 10.10 -28.32 -15.53
N SER E 29 10.69 -27.50 -16.37
CA SER E 29 10.28 -26.13 -16.51
C SER E 29 10.33 -25.63 -17.95
N GLY E 30 9.70 -24.49 -18.21
CA GLY E 30 9.82 -23.82 -19.50
C GLY E 30 8.99 -24.42 -20.62
N PHE E 31 8.05 -25.29 -20.30
CA PHE E 31 7.31 -25.98 -21.35
C PHE E 31 5.92 -25.40 -21.62
N HIS E 32 5.42 -25.63 -22.85
CA HIS E 32 4.08 -25.24 -23.20
C HIS E 32 3.73 -26.09 -24.40
N PRO E 33 2.52 -26.65 -24.46
CA PRO E 33 1.41 -26.61 -23.47
C PRO E 33 1.69 -27.48 -22.23
N SER E 34 0.74 -27.53 -21.32
CA SER E 34 0.94 -28.20 -20.02
C SER E 34 0.91 -29.76 -20.06
N ASP E 35 0.35 -30.39 -21.10
CA ASP E 35 0.34 -31.86 -21.17
C ASP E 35 1.79 -32.35 -21.25
N ILE E 36 2.21 -33.17 -20.28
CA ILE E 36 3.62 -33.63 -20.19
C ILE E 36 3.59 -34.98 -19.49
N GLU E 37 4.55 -35.84 -19.80
CA GLU E 37 4.68 -37.13 -19.12
C GLU E 37 6.07 -37.17 -18.53
N VAL E 38 6.14 -37.40 -17.22
CA VAL E 38 7.40 -37.39 -16.52
C VAL E 38 7.48 -38.65 -15.67
N ASP E 39 8.59 -39.39 -15.83
CA ASP E 39 8.80 -40.61 -15.06
C ASP E 39 10.18 -40.63 -14.46
N LEU E 40 10.28 -41.20 -13.26
CA LEU E 40 11.53 -41.39 -12.56
C LEU E 40 11.84 -42.85 -12.74
N LEU E 41 13.09 -43.16 -13.08
CA LEU E 41 13.52 -44.54 -13.41
C LEU E 41 14.59 -45.02 -12.45
N LYS E 42 14.46 -46.26 -11.99
CA LYS E 42 15.48 -46.94 -11.19
C LYS E 42 15.94 -48.16 -11.95
N ASN E 43 17.21 -48.11 -12.37
CA ASN E 43 17.85 -49.17 -13.17
C ASN E 43 17.02 -49.50 -14.39
N GLY E 44 16.49 -48.48 -15.06
CA GLY E 44 15.61 -48.74 -16.21
C GLY E 44 14.10 -48.86 -15.93
N GLU E 45 13.73 -49.21 -14.69
CA GLU E 45 12.34 -49.46 -14.29
C GLU E 45 11.64 -48.21 -13.77
N ARG E 46 10.49 -47.92 -14.35
CA ARG E 46 9.61 -46.83 -13.89
C ARG E 46 9.19 -46.96 -12.42
N ILE E 47 9.50 -45.92 -11.65
CA ILE E 47 9.25 -45.91 -10.22
C ILE E 47 7.76 -45.56 -10.03
N GLU E 48 7.07 -46.34 -9.21
CA GLU E 48 5.62 -46.22 -9.05
C GLU E 48 5.19 -45.06 -8.19
N LYS E 49 5.80 -44.90 -7.02
CA LYS E 49 5.23 -43.91 -6.16
C LYS E 49 5.94 -42.59 -6.32
N VAL E 50 5.55 -41.87 -7.38
CA VAL E 50 6.15 -40.56 -7.68
C VAL E 50 5.06 -39.51 -7.53
N GLU E 51 5.32 -38.48 -6.75
CA GLU E 51 4.33 -37.43 -6.62
C GLU E 51 4.76 -36.22 -7.41
N HIS E 52 3.84 -35.31 -7.68
CA HIS E 52 4.24 -34.07 -8.32
C HIS E 52 3.59 -32.86 -7.70
N SER E 53 4.24 -31.71 -7.88
CA SER E 53 3.69 -30.45 -7.43
C SER E 53 2.50 -30.04 -8.27
N ASP E 54 1.77 -29.03 -7.78
CA ASP E 54 0.61 -28.56 -8.46
C ASP E 54 1.04 -27.65 -9.59
N LEU E 55 0.40 -27.81 -10.77
CA LEU E 55 0.83 -27.04 -11.97
C LEU E 55 0.82 -25.53 -11.79
N SER E 56 1.93 -24.91 -12.14
CA SER E 56 2.07 -23.47 -12.01
C SER E 56 2.94 -22.98 -13.17
N PHE E 57 3.12 -21.67 -13.29
CA PHE E 57 3.83 -21.09 -14.45
C PHE E 57 4.63 -19.86 -14.11
N SER E 58 5.54 -19.49 -15.01
CA SER E 58 6.49 -18.36 -14.80
C SER E 58 5.92 -17.16 -15.50
N LYS E 59 6.62 -16.02 -15.37
CA LYS E 59 6.25 -14.78 -16.05
C LYS E 59 6.09 -14.88 -17.55
N ASP E 60 6.88 -15.72 -18.20
CA ASP E 60 6.73 -15.88 -19.63
C ASP E 60 5.62 -16.87 -20.02
N TRP E 61 4.82 -17.30 -19.04
CA TRP E 61 3.65 -18.24 -19.22
C TRP E 61 4.02 -19.72 -19.27
N SER E 62 5.30 -20.01 -19.35
CA SER E 62 5.76 -21.36 -19.46
C SER E 62 5.59 -22.12 -18.15
N PHE E 63 5.22 -23.40 -18.23
CA PHE E 63 4.88 -24.13 -17.03
C PHE E 63 6.04 -24.76 -16.35
N TYR E 64 5.88 -25.10 -15.07
CA TYR E 64 6.87 -25.91 -14.36
C TYR E 64 6.22 -26.85 -13.35
N LEU E 65 6.91 -27.94 -13.02
CA LEU E 65 6.42 -28.93 -12.10
C LEU E 65 7.59 -29.63 -11.50
N LEU E 66 7.43 -30.06 -10.25
CA LEU E 66 8.42 -30.90 -9.61
C LEU E 66 7.86 -32.25 -9.40
N TYR E 67 8.59 -33.29 -9.82
CA TYR E 67 8.17 -34.67 -9.64
C TYR E 67 9.19 -35.21 -8.67
N TYR E 68 8.77 -36.07 -7.73
CA TYR E 68 9.67 -36.48 -6.64
C TYR E 68 9.26 -37.78 -5.98
N THR E 69 10.26 -38.48 -5.44
CA THR E 69 10.05 -39.77 -4.79
C THR E 69 11.12 -39.99 -3.72
N GLU E 70 10.73 -40.63 -2.61
CA GLU E 70 11.69 -41.09 -1.59
C GLU E 70 12.63 -42.11 -2.22
N PHE E 71 13.92 -41.99 -1.93
CA PHE E 71 14.88 -43.00 -2.32
C PHE E 71 16.06 -43.09 -1.35
N THR E 72 16.67 -44.26 -1.32
CA THR E 72 17.92 -44.45 -0.59
C THR E 72 18.99 -44.79 -1.65
N PRO E 73 19.87 -43.83 -1.98
CA PRO E 73 20.94 -44.09 -2.96
C PRO E 73 21.93 -45.14 -2.45
N THR E 74 22.46 -45.95 -3.36
CA THR E 74 23.49 -46.95 -3.08
C THR E 74 24.52 -46.72 -4.17
N GLU E 75 25.64 -47.42 -4.06
CA GLU E 75 26.75 -47.20 -4.97
C GLU E 75 26.41 -47.60 -6.42
N LYS E 76 25.70 -48.71 -6.58
CA LYS E 76 25.48 -49.32 -7.88
C LYS E 76 24.15 -49.01 -8.57
N ASP E 77 23.17 -48.48 -7.84
CA ASP E 77 21.90 -48.15 -8.46
C ASP E 77 21.94 -46.87 -9.25
N GLU E 78 21.35 -46.96 -10.45
CA GLU E 78 21.30 -45.85 -11.37
C GLU E 78 19.87 -45.31 -11.47
N TYR E 79 19.76 -43.98 -11.51
CA TYR E 79 18.45 -43.31 -11.60
C TYR E 79 18.43 -42.32 -12.77
N ALA E 80 17.22 -42.05 -13.28
CA ALA E 80 17.05 -41.16 -14.41
C ALA E 80 15.66 -40.55 -14.35
N CYS E 81 15.45 -39.50 -15.14
CA CYS E 81 14.11 -38.95 -15.40
C CYS E 81 13.89 -39.05 -16.89
N ARG E 82 12.69 -39.50 -17.26
CA ARG E 82 12.27 -39.63 -18.66
C ARG E 82 11.06 -38.72 -18.95
N VAL E 83 11.17 -37.86 -19.95
CA VAL E 83 10.14 -36.85 -20.15
C VAL E 83 9.60 -36.99 -21.57
N ASN E 84 8.28 -36.97 -21.75
CA ASN E 84 7.78 -36.76 -23.08
C ASN E 84 6.83 -35.59 -23.20
N HIS E 85 6.84 -34.95 -24.35
CA HIS E 85 6.10 -33.71 -24.52
C HIS E 85 5.87 -33.59 -26.06
N VAL E 86 4.88 -32.81 -26.52
CA VAL E 86 4.72 -32.55 -27.96
C VAL E 86 6.00 -32.03 -28.69
N THR E 87 6.89 -31.31 -27.99
CA THR E 87 8.07 -30.77 -28.59
C THR E 87 9.19 -31.77 -28.78
N LEU E 88 9.08 -32.94 -28.17
CA LEU E 88 10.16 -33.95 -28.18
C LEU E 88 9.77 -35.08 -29.14
N SER E 89 10.64 -35.43 -30.07
CA SER E 89 10.30 -36.42 -31.06
C SER E 89 10.46 -37.80 -30.50
N GLN E 90 11.30 -37.93 -29.49
CA GLN E 90 11.38 -39.14 -28.68
C GLN E 90 11.53 -38.80 -27.22
N PRO E 91 11.28 -39.78 -26.30
CA PRO E 91 11.45 -39.48 -24.88
C PRO E 91 12.83 -38.94 -24.55
N LYS E 92 12.88 -37.93 -23.71
CA LYS E 92 14.16 -37.41 -23.30
C LYS E 92 14.55 -37.99 -21.93
N ILE E 93 15.71 -38.64 -21.86
CA ILE E 93 16.14 -39.34 -20.66
C ILE E 93 17.38 -38.64 -20.13
N VAL E 94 17.28 -38.12 -18.93
CA VAL E 94 18.42 -37.47 -18.31
C VAL E 94 18.80 -38.31 -17.08
N LYS E 95 20.04 -38.78 -17.04
CA LYS E 95 20.56 -39.60 -15.95
C LYS E 95 20.92 -38.75 -14.74
N TRP E 96 20.59 -39.27 -13.56
CA TRP E 96 20.99 -38.62 -12.31
C TRP E 96 22.50 -38.74 -12.15
N ASP E 97 23.20 -37.61 -11.95
CA ASP E 97 24.63 -37.61 -11.68
C ASP E 97 24.65 -37.01 -10.29
N ARG E 98 25.20 -37.67 -9.28
CA ARG E 98 25.08 -37.12 -7.90
C ARG E 98 25.88 -35.80 -7.67
N ASP E 99 26.80 -35.54 -8.59
CA ASP E 99 27.54 -34.28 -8.65
C ASP E 99 26.82 -33.13 -9.40
N MET E 100 25.52 -33.29 -9.72
CA MET E 100 24.74 -32.30 -10.53
C MET E 100 23.27 -32.00 -10.09
N MET F 1 -5.96 -14.51 -0.07
CA MET F 1 -7.41 -14.44 -0.34
C MET F 1 -7.69 -14.00 -1.76
N LEU F 2 -8.49 -14.81 -2.46
CA LEU F 2 -8.90 -14.59 -3.83
C LEU F 2 -9.76 -13.33 -4.05
N TRP F 3 -9.66 -12.75 -5.24
CA TRP F 3 -10.55 -11.68 -5.64
C TRP F 3 -11.93 -12.31 -5.91
N GLY F 4 -12.99 -11.63 -5.51
CA GLY F 4 -14.32 -12.21 -5.62
C GLY F 4 -15.26 -11.66 -6.70
N TYR F 5 -14.79 -10.76 -7.56
CA TYR F 5 -15.70 -10.12 -8.54
C TYR F 5 -15.20 -10.26 -9.96
N LEU F 6 -15.17 -11.49 -10.43
CA LEU F 6 -14.57 -11.83 -11.70
C LEU F 6 -15.45 -11.47 -12.93
N GLN F 7 -14.79 -11.22 -14.06
CA GLN F 7 -15.41 -10.76 -15.28
C GLN F 7 -14.96 -11.63 -16.47
N TYR F 8 -15.88 -11.94 -17.37
CA TYR F 8 -15.61 -12.76 -18.53
C TYR F 8 -14.89 -11.96 -19.63
N VAL F 9 -13.94 -12.59 -20.34
CA VAL F 9 -13.38 -11.97 -21.57
C VAL F 9 -14.41 -11.76 -22.70
C1 GOL G . -8.90 18.87 6.05
O1 GOL G . -9.49 17.96 5.12
C2 GOL G . -8.01 18.09 7.00
O2 GOL G . -7.92 16.80 6.48
C3 GOL G . -6.63 18.69 7.04
O3 GOL G . -5.83 18.25 8.11
C1 GOL H . -7.14 17.83 24.35
O1 GOL H . -8.35 18.01 23.65
C2 GOL H . -6.21 19.03 24.13
O2 GOL H . -5.55 18.88 22.93
C3 GOL H . -5.16 19.17 25.24
O3 GOL H . -4.67 20.49 25.27
C1 GOL I . -9.61 15.19 20.56
O1 GOL I . -10.39 15.99 21.43
C2 GOL I . -9.45 13.82 21.23
O2 GOL I . -9.41 14.01 22.63
C3 GOL I . -8.13 13.22 20.85
O3 GOL I . -8.34 12.22 19.90
C1 GOL J . 0.67 32.13 -7.82
O1 GOL J . -0.34 33.10 -7.94
C2 GOL J . 1.69 32.33 -8.93
O2 GOL J . 1.12 32.99 -10.05
C3 GOL J . 2.27 30.99 -9.32
O3 GOL J . 2.87 30.37 -8.21
C1 GOL K . 8.64 15.76 21.98
O1 GOL K . 8.88 14.38 22.06
C2 GOL K . 8.01 16.00 20.62
O2 GOL K . 8.86 16.14 19.51
C3 GOL K . 6.83 16.96 20.64
O3 GOL K . 7.19 18.29 20.74
C1 GOL L . 7.17 -18.66 -6.73
O1 GOL L . 8.55 -18.56 -6.47
C2 GOL L . 6.80 -17.75 -7.88
O2 GOL L . 5.81 -18.41 -8.62
C3 GOL L . 6.36 -16.42 -7.27
O3 GOL L . 4.99 -16.17 -7.50
C1 GOL M . 8.11 4.35 6.98
O1 GOL M . 7.18 5.38 7.28
C2 GOL M . 8.15 3.20 8.00
O2 GOL M . 9.53 2.88 8.21
C3 GOL M . 7.45 1.96 7.44
O3 GOL M . 6.96 1.07 8.43
C1 GOL N . 21.79 -31.65 -4.89
O1 GOL N . 20.97 -32.57 -5.54
C2 GOL N . 22.76 -32.41 -3.98
O2 GOL N . 22.76 -31.69 -2.78
C3 GOL N . 24.18 -32.39 -4.53
O3 GOL N . 25.13 -31.99 -3.54
#